data_6T38
#
_entry.id   6T38
#
_cell.length_a   70.450
_cell.length_b   90.890
_cell.length_c   97.421
_cell.angle_alpha   90.000
_cell.angle_beta   95.430
_cell.angle_gamma   90.000
#
_symmetry.space_group_name_H-M   'P 1 21 1'
#
loop_
_entity.id
_entity.type
_entity.pdbx_description
1 polymer 'Glucose-1-phosphate thymidylyltransferase'
2 non-polymer ~{N}-[6-(4-azanylbutylamino)-1-[(4-bromophenyl)methyl]-2,4-bis(oxidanylidene)pyrimidin-5-yl]-~{N}-methyl-benzenesulfonamide
3 non-polymer '2-(N-MORPHOLINO)-ETHANESULFONIC ACID'
4 non-polymer 'BROMIDE ION'
5 non-polymer 'CHLORIDE ION'
6 water water
#
_entity_poly.entity_id   1
_entity_poly.type   'polypeptide(L)'
_entity_poly.pdbx_seq_one_letter_code
;HHHHHHGSMAMKRKGIILAGGSGTRLHPATLAISKQLLPVYDKPMIYYPLSTLMLAGIREILIISTPQDTPRFQQLLGDG
SNWGLDLQYAVQPSPDGLAQAFLIGESFIGNDLSALVLGDNLYYGHDFHELLGSASQRQTGASVFAYHVLDPERYGVVEF
DQGGKAISLEEKPLEPKSNYAVTGLYFYDQQVVDIARDLKPSPRGELEITDVNRAYLERGQLSVEIMGRGYAWLDTGTHD
SLLEAGQFIATLENRQGLKVACPEEIAYRQKWIDAAQLEKLAAPLAKNGYGQYLKRLLTETVY
;
_entity_poly.pdbx_strand_id   A,B,C,D
#
loop_
_chem_comp.id
_chem_comp.type
_chem_comp.name
_chem_comp.formula
BR non-polymer 'BROMIDE ION' 'Br -1'
CL non-polymer 'CHLORIDE ION' 'Cl -1'
MBK non-polymer ~{N}-[6-(4-azanylbutylamino)-1-[(4-bromophenyl)methyl]-2,4-bis(oxidanylidene)pyrimidin-5-yl]-~{N}-methyl-benzenesulfonamide 'C22 H26 Br N5 O4 S'
MES non-polymer '2-(N-MORPHOLINO)-ETHANESULFONIC ACID' 'C6 H13 N O4 S'
#
# COMPACT_ATOMS: atom_id res chain seq x y z
N LYS A 12 -13.20 22.95 34.16
CA LYS A 12 -13.00 21.51 33.74
C LYS A 12 -13.60 21.32 32.34
N ARG A 13 -12.94 20.54 31.49
CA ARG A 13 -13.46 20.20 30.13
C ARG A 13 -13.64 18.68 30.03
N LYS A 14 -14.87 18.26 29.72
CA LYS A 14 -15.24 16.83 29.56
C LYS A 14 -15.25 16.52 28.06
N GLY A 15 -14.98 15.27 27.72
CA GLY A 15 -14.89 14.81 26.32
C GLY A 15 -16.03 13.88 25.96
N ILE A 16 -16.46 13.94 24.70
CA ILE A 16 -17.44 12.99 24.10
C ILE A 16 -16.83 12.43 22.81
N ILE A 17 -16.80 11.10 22.68
CA ILE A 17 -16.56 10.37 21.40
C ILE A 17 -17.92 9.87 20.91
N LEU A 18 -18.38 10.38 19.77
CA LEU A 18 -19.56 9.83 19.05
C LEU A 18 -19.05 8.80 18.05
N ALA A 19 -19.27 7.51 18.36
CA ALA A 19 -19.07 6.36 17.45
C ALA A 19 -20.42 5.92 16.89
N GLY A 20 -20.93 6.63 15.88
CA GLY A 20 -22.26 6.43 15.27
C GLY A 20 -22.41 5.07 14.61
N GLY A 21 -23.57 4.81 13.99
CA GLY A 21 -23.93 3.50 13.40
C GLY A 21 -23.13 3.21 12.15
N LYS A 35 -17.55 -0.55 13.71
CA LYS A 35 -16.74 0.25 12.76
C LYS A 35 -15.54 0.87 13.50
N GLN A 36 -15.81 1.57 14.62
CA GLN A 36 -14.78 2.16 15.51
C GLN A 36 -14.10 1.07 16.35
N LEU A 37 -14.55 -0.19 16.23
CA LEU A 37 -13.90 -1.37 16.84
C LEU A 37 -12.91 -2.01 15.85
N LEU A 38 -13.04 -1.73 14.54
CA LEU A 38 -12.08 -2.21 13.51
C LEU A 38 -10.69 -1.64 13.82
N PRO A 39 -9.61 -2.41 13.56
CA PRO A 39 -8.26 -1.90 13.74
C PRO A 39 -7.84 -0.96 12.61
N VAL A 40 -7.12 0.11 12.97
CA VAL A 40 -6.26 0.89 12.04
C VAL A 40 -4.83 0.41 12.29
N TYR A 41 -4.38 -0.52 11.45
CA TYR A 41 -3.07 -1.22 11.52
C TYR A 41 -3.01 -2.14 12.74
N ASP A 42 -2.72 -1.61 13.92
CA ASP A 42 -2.27 -2.38 15.11
C ASP A 42 -3.11 -2.09 16.36
N LYS A 43 -4.20 -1.31 16.25
CA LYS A 43 -5.02 -0.97 17.44
C LYS A 43 -6.42 -0.56 16.99
N PRO A 44 -7.44 -0.73 17.86
CA PRO A 44 -8.82 -0.36 17.51
C PRO A 44 -8.92 1.11 17.09
N MET A 45 -9.77 1.39 16.11
CA MET A 45 -10.00 2.76 15.56
C MET A 45 -10.24 3.74 16.70
N ILE A 46 -10.99 3.35 17.75
CA ILE A 46 -11.41 4.27 18.84
C ILE A 46 -10.20 4.73 19.67
N TYR A 47 -9.08 4.01 19.64
CA TYR A 47 -7.82 4.43 20.32
C TYR A 47 -7.37 5.81 19.79
N TYR A 48 -7.67 6.14 18.53
CA TYR A 48 -7.20 7.38 17.86
C TYR A 48 -7.97 8.60 18.41
N PRO A 49 -9.31 8.68 18.32
CA PRO A 49 -10.05 9.78 18.96
C PRO A 49 -9.89 9.83 20.49
N LEU A 50 -9.79 8.68 21.15
CA LEU A 50 -9.55 8.60 22.62
C LEU A 50 -8.20 9.29 22.93
N SER A 51 -7.14 8.89 22.22
CA SER A 51 -5.78 9.46 22.35
C SER A 51 -5.79 10.97 22.05
N THR A 52 -6.62 11.42 21.12
CA THR A 52 -6.77 12.85 20.74
C THR A 52 -7.29 13.64 21.95
N LEU A 53 -8.38 13.20 22.56
CA LEU A 53 -8.97 13.87 23.76
C LEU A 53 -7.94 13.84 24.89
N MET A 54 -7.23 12.73 25.06
CA MET A 54 -6.22 12.54 26.14
C MET A 54 -5.06 13.53 25.95
N LEU A 55 -4.66 13.75 24.70
CA LEU A 55 -3.57 14.70 24.35
C LEU A 55 -4.00 16.13 24.69
N ALA A 56 -5.30 16.43 24.58
CA ALA A 56 -5.90 17.73 24.95
C ALA A 56 -5.98 17.88 26.47
N GLY A 57 -5.66 16.83 27.23
CA GLY A 57 -5.67 16.83 28.71
C GLY A 57 -7.02 16.47 29.28
N ILE A 58 -7.90 15.87 28.48
CA ILE A 58 -9.29 15.47 28.89
C ILE A 58 -9.22 14.01 29.37
N ARG A 59 -9.63 13.74 30.62
CA ARG A 59 -9.55 12.38 31.20
C ARG A 59 -10.94 11.86 31.56
N GLU A 60 -11.96 12.74 31.56
CA GLU A 60 -13.38 12.38 31.79
C GLU A 60 -14.12 12.39 30.46
N ILE A 61 -14.49 11.20 29.97
CA ILE A 61 -14.90 10.97 28.56
C ILE A 61 -16.16 10.11 28.52
N LEU A 62 -17.19 10.60 27.80
CA LEU A 62 -18.42 9.86 27.46
C LEU A 62 -18.26 9.26 26.06
N ILE A 63 -18.39 7.94 25.94
CA ILE A 63 -18.46 7.24 24.63
C ILE A 63 -19.94 6.99 24.31
N ILE A 64 -20.41 7.61 23.23
CA ILE A 64 -21.79 7.46 22.68
C ILE A 64 -21.70 6.56 21.45
N SER A 65 -22.49 5.48 21.42
CA SER A 65 -22.59 4.57 20.26
C SER A 65 -24.01 4.02 20.13
N THR A 66 -24.21 3.09 19.19
CA THR A 66 -25.49 2.40 18.93
C THR A 66 -25.82 1.48 20.11
N PRO A 67 -27.09 1.08 20.28
CA PRO A 67 -27.46 0.12 21.33
C PRO A 67 -26.60 -1.14 21.29
N GLN A 68 -26.27 -1.62 20.09
CA GLN A 68 -25.52 -2.89 19.88
C GLN A 68 -24.03 -2.71 20.21
N ASP A 69 -23.44 -1.55 19.90
CA ASP A 69 -21.98 -1.33 19.95
C ASP A 69 -21.54 -0.82 21.34
N THR A 70 -22.39 -0.06 22.04
CA THR A 70 -22.04 0.60 23.32
C THR A 70 -21.50 -0.44 24.32
N PRO A 71 -22.17 -1.61 24.50
CA PRO A 71 -21.66 -2.66 25.39
C PRO A 71 -20.27 -3.19 25.00
N ARG A 72 -19.96 -3.23 23.70
CA ARG A 72 -18.69 -3.76 23.17
C ARG A 72 -17.55 -2.78 23.50
N PHE A 73 -17.81 -1.46 23.43
CA PHE A 73 -16.84 -0.42 23.87
C PHE A 73 -16.59 -0.56 25.38
N GLN A 74 -17.66 -0.75 26.16
CA GLN A 74 -17.61 -0.96 27.63
C GLN A 74 -16.72 -2.15 27.95
N GLN A 75 -16.94 -3.26 27.25
CA GLN A 75 -16.18 -4.53 27.44
C GLN A 75 -14.69 -4.30 27.14
N LEU A 76 -14.38 -3.47 26.13
CA LEU A 76 -12.99 -3.19 25.68
C LEU A 76 -12.29 -2.24 26.65
N LEU A 77 -12.94 -1.13 27.03
CA LEU A 77 -12.27 0.01 27.71
C LEU A 77 -12.59 0.02 29.22
N GLY A 78 -13.73 -0.55 29.63
CA GLY A 78 -14.19 -0.53 31.04
C GLY A 78 -14.39 0.90 31.53
N ASP A 79 -14.09 1.17 32.81
CA ASP A 79 -14.29 2.51 33.42
C ASP A 79 -13.05 3.38 33.17
N GLY A 80 -11.99 2.82 32.61
CA GLY A 80 -10.79 3.53 32.15
C GLY A 80 -9.80 3.82 33.27
N SER A 81 -10.06 3.37 34.50
CA SER A 81 -9.23 3.67 35.69
C SER A 81 -7.82 3.07 35.53
N ASN A 82 -7.68 2.00 34.75
CA ASN A 82 -6.37 1.36 34.43
C ASN A 82 -5.48 2.34 33.66
N TRP A 83 -6.06 3.32 32.97
CA TRP A 83 -5.32 4.33 32.15
C TRP A 83 -5.43 5.72 32.78
N GLY A 84 -5.88 5.80 34.04
CA GLY A 84 -6.08 7.06 34.78
C GLY A 84 -7.22 7.87 34.20
N LEU A 85 -8.15 7.22 33.52
CA LEU A 85 -9.34 7.86 32.88
C LEU A 85 -10.59 7.60 33.72
N ASP A 86 -11.64 8.37 33.44
CA ASP A 86 -13.00 8.19 33.98
C ASP A 86 -13.96 8.09 32.78
N LEU A 87 -14.20 6.87 32.30
CA LEU A 87 -15.01 6.60 31.09
C LEU A 87 -16.45 6.29 31.48
N GLN A 88 -17.41 6.90 30.78
CA GLN A 88 -18.86 6.63 30.89
C GLN A 88 -19.39 6.32 29.48
N TYR A 89 -20.59 5.75 29.41
CA TYR A 89 -21.21 5.22 28.16
C TYR A 89 -22.66 5.66 28.08
N ALA A 90 -23.12 5.99 26.88
CA ALA A 90 -24.51 6.35 26.57
C ALA A 90 -24.83 5.83 25.16
N VAL A 91 -26.10 5.61 24.87
CA VAL A 91 -26.56 5.04 23.57
C VAL A 91 -27.20 6.16 22.76
N GLN A 92 -26.94 6.18 21.45
CA GLN A 92 -27.73 6.93 20.43
C GLN A 92 -28.74 5.95 19.83
N PRO A 93 -30.03 5.98 20.26
CA PRO A 93 -31.03 5.04 19.77
C PRO A 93 -31.09 4.95 18.23
N SER A 94 -31.05 6.12 17.57
CA SER A 94 -31.14 6.29 16.10
C SER A 94 -30.20 7.41 15.67
N PRO A 95 -29.60 7.34 14.45
CA PRO A 95 -28.69 8.39 13.98
C PRO A 95 -29.44 9.65 13.53
N ASP A 96 -29.91 10.45 14.51
CA ASP A 96 -30.73 11.67 14.30
C ASP A 96 -29.83 12.92 14.34
N GLY A 97 -28.53 12.77 14.05
CA GLY A 97 -27.58 13.89 13.87
C GLY A 97 -26.49 13.91 14.94
N LEU A 98 -25.36 14.55 14.64
CA LEU A 98 -24.16 14.60 15.53
C LEU A 98 -24.42 15.51 16.74
N ALA A 99 -25.23 16.56 16.58
CA ALA A 99 -25.54 17.54 17.64
C ALA A 99 -26.38 16.87 18.74
N GLN A 100 -26.96 15.71 18.46
CA GLN A 100 -27.72 14.89 19.45
C GLN A 100 -26.79 14.44 20.59
N ALA A 101 -25.47 14.42 20.36
CA ALA A 101 -24.46 14.07 21.39
C ALA A 101 -24.62 14.96 22.63
N PHE A 102 -25.01 16.22 22.44
CA PHE A 102 -25.12 17.24 23.53
C PHE A 102 -26.40 17.02 24.33
N LEU A 103 -27.44 16.44 23.73
CA LEU A 103 -28.71 16.10 24.43
C LEU A 103 -28.49 14.79 25.20
N ILE A 104 -28.02 13.75 24.50
CA ILE A 104 -27.64 12.44 25.11
C ILE A 104 -26.63 12.68 26.23
N GLY A 105 -25.67 13.59 26.02
CA GLY A 105 -24.57 13.84 26.97
C GLY A 105 -24.85 14.98 27.94
N GLU A 106 -26.09 15.47 28.00
CA GLU A 106 -26.45 16.70 28.77
C GLU A 106 -26.06 16.56 30.24
N SER A 107 -26.51 15.50 30.92
CA SER A 107 -26.26 15.31 32.38
C SER A 107 -24.76 15.02 32.61
N PHE A 108 -24.10 14.31 31.68
CA PHE A 108 -22.63 14.05 31.74
C PHE A 108 -21.87 15.37 31.70
N ILE A 109 -22.23 16.28 30.78
CA ILE A 109 -21.55 17.60 30.60
C ILE A 109 -21.78 18.45 31.84
N GLY A 110 -23.00 18.43 32.38
CA GLY A 110 -23.40 19.28 33.54
C GLY A 110 -23.13 20.73 33.22
N ASN A 111 -22.30 21.39 34.03
CA ASN A 111 -22.02 22.84 33.92
C ASN A 111 -20.61 23.08 33.34
N ASP A 112 -19.99 22.05 32.79
CA ASP A 112 -18.57 22.08 32.36
C ASP A 112 -18.46 22.46 30.89
N LEU A 113 -17.26 22.84 30.48
CA LEU A 113 -16.82 22.97 29.06
C LEU A 113 -16.76 21.55 28.48
N SER A 114 -16.83 21.41 27.16
CA SER A 114 -16.83 20.09 26.50
C SER A 114 -15.96 20.10 25.24
N ALA A 115 -15.62 18.91 24.77
CA ALA A 115 -14.99 18.64 23.47
C ALA A 115 -15.70 17.44 22.84
N LEU A 116 -16.04 17.53 21.56
CA LEU A 116 -16.66 16.43 20.78
C LEU A 116 -15.67 15.98 19.71
N VAL A 117 -15.42 14.68 19.62
CA VAL A 117 -14.59 14.05 18.54
C VAL A 117 -15.42 12.94 17.88
N LEU A 118 -15.28 12.79 16.56
CA LEU A 118 -15.95 11.70 15.79
C LEU A 118 -15.06 10.44 15.83
N GLY A 119 -15.69 9.26 15.82
CA GLY A 119 -15.02 7.96 16.05
C GLY A 119 -14.06 7.53 14.95
N ASP A 120 -14.25 8.00 13.71
CA ASP A 120 -13.49 7.52 12.52
C ASP A 120 -12.57 8.61 11.98
N ASN A 121 -12.16 9.56 12.83
CA ASN A 121 -11.19 10.63 12.46
C ASN A 121 -9.84 10.27 13.07
N LEU A 122 -8.78 10.36 12.25
CA LEU A 122 -7.37 10.12 12.62
C LEU A 122 -6.60 11.44 12.41
N TYR A 123 -5.85 11.89 13.41
CA TYR A 123 -5.00 13.11 13.34
C TYR A 123 -3.56 12.73 13.64
N TYR A 124 -2.62 13.38 12.96
CA TYR A 124 -1.16 13.22 13.19
C TYR A 124 -0.43 14.53 12.85
N GLY A 125 0.51 14.94 13.72
CA GLY A 125 1.47 16.00 13.35
C GLY A 125 2.15 16.65 14.53
N HIS A 126 3.18 17.44 14.22
CA HIS A 126 4.02 18.17 15.21
C HIS A 126 3.31 19.46 15.63
N ASP A 127 3.24 19.66 16.95
CA ASP A 127 2.55 20.77 17.64
C ASP A 127 1.08 20.40 17.88
N PHE A 128 0.66 19.14 17.67
CA PHE A 128 -0.77 18.76 17.82
C PHE A 128 -1.19 18.98 19.28
N HIS A 129 -0.31 18.62 20.23
CA HIS A 129 -0.48 18.88 21.68
C HIS A 129 -0.72 20.38 21.91
N GLU A 130 0.09 21.23 21.28
CA GLU A 130 0.02 22.71 21.42
C GLU A 130 -1.27 23.21 20.76
N LEU A 131 -1.63 22.68 19.59
CA LEU A 131 -2.84 23.08 18.83
C LEU A 131 -4.10 22.77 19.64
N LEU A 132 -4.16 21.59 20.28
CA LEU A 132 -5.30 21.19 21.13
C LEU A 132 -5.30 22.02 22.42
N GLY A 133 -4.13 22.16 23.04
CA GLY A 133 -3.91 22.93 24.28
C GLY A 133 -4.50 24.32 24.20
N SER A 134 -4.22 25.05 23.10
CA SER A 134 -4.64 26.46 22.91
C SER A 134 -6.17 26.53 22.78
N ALA A 135 -6.76 25.68 21.93
CA ALA A 135 -8.24 25.55 21.77
C ALA A 135 -8.89 25.25 23.12
N SER A 136 -8.30 24.31 23.88
CA SER A 136 -8.81 23.80 25.18
C SER A 136 -8.82 24.90 26.25
N GLN A 137 -7.86 25.84 26.20
CA GLN A 137 -7.64 26.87 27.24
C GLN A 137 -8.63 28.03 27.10
N ARG A 138 -9.29 28.17 25.95
CA ARG A 138 -10.38 29.17 25.74
C ARG A 138 -11.59 28.81 26.62
N GLN A 139 -11.92 29.67 27.57
CA GLN A 139 -12.98 29.45 28.59
C GLN A 139 -14.36 29.81 28.00
N THR A 140 -14.41 30.56 26.89
CA THR A 140 -15.66 31.03 26.25
C THR A 140 -15.60 30.83 24.73
N GLY A 141 -16.77 30.74 24.11
CA GLY A 141 -16.93 30.50 22.68
C GLY A 141 -16.60 29.06 22.31
N ALA A 142 -16.48 28.80 21.01
CA ALA A 142 -16.24 27.47 20.42
C ALA A 142 -15.00 27.54 19.52
N SER A 143 -14.26 26.44 19.42
CA SER A 143 -13.09 26.28 18.51
C SER A 143 -13.30 25.06 17.60
N VAL A 144 -13.14 25.27 16.30
CA VAL A 144 -13.10 24.18 15.28
C VAL A 144 -11.82 24.35 14.46
N PHE A 145 -11.50 23.35 13.63
CA PHE A 145 -10.28 23.33 12.79
C PHE A 145 -10.70 23.16 11.34
N ALA A 146 -10.07 23.96 10.47
CA ALA A 146 -10.27 23.96 9.01
C ALA A 146 -9.04 23.35 8.34
N TYR A 147 -9.26 22.41 7.43
CA TYR A 147 -8.19 21.61 6.78
C TYR A 147 -8.48 21.57 5.27
N HIS A 148 -7.47 21.89 4.46
CA HIS A 148 -7.56 21.87 2.97
C HIS A 148 -7.69 20.41 2.51
N VAL A 149 -8.78 20.09 1.82
CA VAL A 149 -9.05 18.73 1.29
C VAL A 149 -9.38 18.82 -0.20
N LEU A 150 -9.24 17.70 -0.92
CA LEU A 150 -9.60 17.59 -2.35
C LEU A 150 -11.12 17.61 -2.51
N ASP A 151 -11.87 17.01 -1.57
CA ASP A 151 -13.32 16.78 -1.68
C ASP A 151 -14.06 17.45 -0.53
N PRO A 152 -14.10 18.81 -0.48
CA PRO A 152 -14.74 19.52 0.62
C PRO A 152 -16.25 19.27 0.73
N GLU A 153 -16.89 18.94 -0.40
CA GLU A 153 -18.36 18.72 -0.52
C GLU A 153 -18.81 17.57 0.41
N ARG A 154 -17.87 16.75 0.92
CA ARG A 154 -18.17 15.64 1.85
C ARG A 154 -18.31 16.13 3.29
N TYR A 155 -17.97 17.40 3.58
CA TYR A 155 -17.84 17.92 4.97
C TYR A 155 -18.61 19.24 5.14
N GLY A 156 -18.60 19.75 6.37
CA GLY A 156 -18.82 21.18 6.65
C GLY A 156 -17.71 22.00 6.03
N VAL A 157 -18.05 23.05 5.29
CA VAL A 157 -17.11 23.88 4.49
C VAL A 157 -17.13 25.31 5.04
N VAL A 158 -15.95 25.87 5.31
CA VAL A 158 -15.75 27.24 5.84
C VAL A 158 -15.44 28.15 4.66
N GLU A 159 -16.15 29.28 4.56
CA GLU A 159 -15.83 30.39 3.63
C GLU A 159 -15.10 31.48 4.43
N PHE A 160 -14.00 32.00 3.89
CA PHE A 160 -13.18 33.09 4.48
C PHE A 160 -13.30 34.35 3.62
N ASP A 161 -13.23 35.53 4.23
CA ASP A 161 -13.11 36.83 3.51
C ASP A 161 -11.64 37.02 3.16
N GLN A 162 -11.33 38.11 2.43
CA GLN A 162 -9.95 38.46 1.98
C GLN A 162 -9.00 38.53 3.18
N GLY A 163 -9.49 38.94 4.35
CA GLY A 163 -8.71 39.10 5.60
C GLY A 163 -8.56 37.80 6.38
N GLY A 164 -9.14 36.69 5.87
CA GLY A 164 -8.98 35.34 6.46
C GLY A 164 -9.93 35.07 7.61
N LYS A 165 -10.97 35.90 7.76
CA LYS A 165 -12.03 35.73 8.79
C LYS A 165 -13.09 34.80 8.23
N ALA A 166 -13.54 33.80 9.01
CA ALA A 166 -14.63 32.87 8.66
C ALA A 166 -15.93 33.68 8.56
N ILE A 167 -16.66 33.57 7.45
CA ILE A 167 -17.90 34.36 7.21
C ILE A 167 -19.11 33.46 6.89
N SER A 168 -18.92 32.19 6.52
CA SER A 168 -20.03 31.25 6.27
C SER A 168 -19.61 29.80 6.52
N LEU A 169 -20.57 28.98 6.97
CA LEU A 169 -20.48 27.50 7.07
C LEU A 169 -21.61 26.91 6.21
N GLU A 170 -21.29 25.90 5.41
CA GLU A 170 -22.28 25.11 4.62
C GLU A 170 -21.98 23.62 4.81
N GLU A 171 -23.01 22.84 5.16
CA GLU A 171 -22.93 21.37 5.33
C GLU A 171 -23.05 20.70 3.96
N LYS A 172 -22.00 20.01 3.51
CA LYS A 172 -21.96 19.21 2.26
C LYS A 172 -22.53 19.99 1.08
N PRO A 173 -21.98 21.17 0.74
CA PRO A 173 -22.48 21.95 -0.40
C PRO A 173 -22.17 21.29 -1.74
N LEU A 174 -23.11 21.36 -2.69
CA LEU A 174 -22.90 20.93 -4.10
C LEU A 174 -21.81 21.80 -4.74
N GLU A 175 -21.74 23.08 -4.36
CA GLU A 175 -20.77 24.08 -4.89
C GLU A 175 -19.98 24.67 -3.72
N PRO A 176 -18.94 23.97 -3.21
CA PRO A 176 -18.17 24.44 -2.07
C PRO A 176 -17.56 25.82 -2.29
N LYS A 177 -17.63 26.69 -1.28
CA LYS A 177 -17.11 28.09 -1.37
C LYS A 177 -15.60 28.12 -1.07
N SER A 178 -15.05 27.01 -0.59
CA SER A 178 -13.59 26.83 -0.39
C SER A 178 -13.25 25.33 -0.35
N ASN A 179 -11.96 25.02 -0.19
CA ASN A 179 -11.45 23.62 -0.07
C ASN A 179 -11.15 23.34 1.41
N TYR A 180 -11.62 24.21 2.32
CA TYR A 180 -11.39 24.07 3.78
C TYR A 180 -12.59 23.41 4.45
N ALA A 181 -12.41 22.13 4.81
CA ALA A 181 -13.38 21.30 5.55
C ALA A 181 -13.17 21.49 7.06
N VAL A 182 -14.26 21.49 7.83
CA VAL A 182 -14.21 21.49 9.31
C VAL A 182 -13.93 20.04 9.73
N THR A 183 -12.90 19.81 10.55
CA THR A 183 -12.50 18.46 11.03
C THR A 183 -13.52 17.99 12.07
N GLY A 184 -13.47 16.70 12.43
CA GLY A 184 -14.41 16.09 13.41
C GLY A 184 -13.92 16.25 14.84
N LEU A 185 -13.42 17.44 15.18
CA LEU A 185 -12.92 17.80 16.53
C LEU A 185 -13.44 19.21 16.87
N TYR A 186 -14.24 19.31 17.94
CA TYR A 186 -15.00 20.52 18.31
C TYR A 186 -14.83 20.81 19.80
N PHE A 187 -14.49 22.06 20.15
CA PHE A 187 -14.36 22.56 21.53
C PHE A 187 -15.48 23.57 21.80
N TYR A 188 -16.21 23.37 22.90
CA TYR A 188 -17.42 24.17 23.25
C TYR A 188 -17.36 24.67 24.70
N ASP A 189 -17.92 25.86 24.91
CA ASP A 189 -18.19 26.43 26.25
C ASP A 189 -19.53 25.92 26.75
N GLN A 190 -20.07 26.54 27.82
CA GLN A 190 -21.26 26.05 28.55
C GLN A 190 -22.55 26.34 27.77
N GLN A 191 -22.47 27.03 26.61
CA GLN A 191 -23.66 27.41 25.80
C GLN A 191 -24.17 26.24 24.95
N VAL A 192 -23.34 25.22 24.69
CA VAL A 192 -23.61 24.24 23.58
C VAL A 192 -24.87 23.44 23.89
N VAL A 193 -25.07 23.00 25.14
CA VAL A 193 -26.26 22.19 25.52
C VAL A 193 -27.53 23.00 25.18
N ASP A 194 -27.57 24.28 25.58
CA ASP A 194 -28.74 25.17 25.36
C ASP A 194 -28.93 25.42 23.86
N ILE A 195 -27.85 25.65 23.09
CA ILE A 195 -27.91 25.83 21.62
C ILE A 195 -28.47 24.55 20.99
N ALA A 196 -27.99 23.38 21.39
CA ALA A 196 -28.44 22.07 20.86
C ALA A 196 -29.94 21.89 21.13
N ARG A 197 -30.38 22.22 22.34
CA ARG A 197 -31.81 22.04 22.77
C ARG A 197 -32.74 22.89 21.87
N ASP A 198 -32.28 24.09 21.47
CA ASP A 198 -33.08 25.09 20.72
C ASP A 198 -32.94 24.88 19.21
N LEU A 199 -32.09 23.94 18.75
CA LEU A 199 -31.86 23.69 17.29
C LEU A 199 -33.18 23.33 16.62
N LYS A 200 -33.42 23.91 15.45
CA LYS A 200 -34.51 23.52 14.55
C LYS A 200 -33.96 22.35 13.78
N PRO A 201 -34.64 21.16 13.79
CA PRO A 201 -34.21 20.03 12.97
C PRO A 201 -34.00 20.45 11.50
N SER A 202 -33.08 19.81 10.79
CA SER A 202 -32.93 19.96 9.32
C SER A 202 -34.19 19.42 8.65
N PRO A 203 -34.44 19.73 7.36
CA PRO A 203 -35.58 19.16 6.64
C PRO A 203 -35.72 17.63 6.87
N ARG A 204 -34.60 16.91 6.98
CA ARG A 204 -34.53 15.45 7.22
C ARG A 204 -34.82 15.10 8.69
N GLY A 205 -35.07 16.11 9.54
CA GLY A 205 -35.40 15.91 10.97
C GLY A 205 -34.18 15.51 11.80
N GLU A 206 -33.03 16.11 11.50
CA GLU A 206 -31.71 15.79 12.11
C GLU A 206 -31.08 17.03 12.74
N LEU A 207 -30.41 16.81 13.88
CA LEU A 207 -29.73 17.88 14.65
C LEU A 207 -28.30 17.95 14.11
N GLU A 208 -27.98 18.99 13.34
CA GLU A 208 -26.71 19.08 12.57
C GLU A 208 -25.68 19.91 13.35
N ILE A 209 -24.44 19.42 13.46
CA ILE A 209 -23.34 20.10 14.21
C ILE A 209 -23.03 21.44 13.53
N THR A 210 -23.19 21.53 12.21
CA THR A 210 -22.93 22.76 11.42
C THR A 210 -23.85 23.88 11.91
N ASP A 211 -25.10 23.55 12.27
CA ASP A 211 -26.08 24.54 12.82
C ASP A 211 -25.60 25.01 14.20
N VAL A 212 -25.04 24.12 15.03
CA VAL A 212 -24.44 24.50 16.34
C VAL A 212 -23.29 25.48 16.07
N ASN A 213 -22.41 25.16 15.12
CA ASN A 213 -21.19 25.97 14.84
C ASN A 213 -21.61 27.32 14.26
N ARG A 214 -22.65 27.37 13.42
CA ARG A 214 -23.16 28.63 12.82
C ARG A 214 -23.75 29.54 13.92
N ALA A 215 -24.39 28.97 14.94
CA ALA A 215 -24.94 29.71 16.09
C ALA A 215 -23.82 30.47 16.79
N TYR A 216 -22.68 29.81 17.04
CA TYR A 216 -21.47 30.43 17.64
C TYR A 216 -20.92 31.51 16.70
N LEU A 217 -20.92 31.23 15.38
CA LEU A 217 -20.37 32.17 14.35
C LEU A 217 -21.19 33.47 14.39
N GLU A 218 -22.52 33.37 14.46
CA GLU A 218 -23.46 34.52 14.41
C GLU A 218 -23.30 35.38 15.68
N ARG A 219 -22.90 34.80 16.82
CA ARG A 219 -22.64 35.53 18.08
C ARG A 219 -21.20 36.07 18.09
N GLY A 220 -20.42 35.84 17.02
CA GLY A 220 -19.00 36.20 16.94
C GLY A 220 -18.15 35.43 17.95
N GLN A 221 -18.52 34.18 18.25
CA GLN A 221 -17.81 33.35 19.26
C GLN A 221 -17.34 32.01 18.67
N LEU A 222 -17.11 31.94 17.35
CA LEU A 222 -16.50 30.75 16.70
C LEU A 222 -15.08 31.09 16.28
N SER A 223 -14.09 30.42 16.88
CA SER A 223 -12.68 30.45 16.47
C SER A 223 -12.43 29.31 15.48
N VAL A 224 -12.14 29.66 14.22
CA VAL A 224 -11.76 28.68 13.16
C VAL A 224 -10.25 28.74 13.00
N GLU A 225 -9.54 27.76 13.55
CA GLU A 225 -8.05 27.65 13.47
C GLU A 225 -7.71 26.81 12.23
N ILE A 226 -6.74 27.26 11.44
CA ILE A 226 -6.23 26.48 10.27
C ILE A 226 -5.41 25.31 10.83
N MET A 227 -5.76 24.09 10.45
CA MET A 227 -4.89 22.90 10.60
C MET A 227 -4.08 22.78 9.31
N GLY A 228 -2.80 23.14 9.37
CA GLY A 228 -1.90 23.25 8.19
C GLY A 228 -1.70 21.95 7.46
N ARG A 229 -1.19 22.02 6.22
CA ARG A 229 -0.93 20.86 5.33
C ARG A 229 0.14 19.94 5.94
N GLY A 230 0.92 20.43 6.91
CA GLY A 230 1.94 19.65 7.63
C GLY A 230 1.33 18.65 8.62
N TYR A 231 0.03 18.76 8.90
CA TYR A 231 -0.75 17.78 9.68
C TYR A 231 -1.44 16.81 8.72
N ALA A 232 -1.54 15.53 9.11
CA ALA A 232 -2.39 14.53 8.45
C ALA A 232 -3.72 14.44 9.21
N TRP A 233 -4.82 14.80 8.54
CA TRP A 233 -6.20 14.48 8.97
C TRP A 233 -6.77 13.47 7.98
N LEU A 234 -6.96 12.22 8.42
CA LEU A 234 -7.44 11.11 7.58
C LEU A 234 -8.83 10.67 8.06
N ASP A 235 -9.70 10.33 7.11
CA ASP A 235 -10.98 9.63 7.34
C ASP A 235 -10.69 8.13 7.33
N THR A 236 -11.35 7.35 8.18
CA THR A 236 -11.18 5.86 8.26
C THR A 236 -12.53 5.17 8.05
N GLY A 237 -13.48 5.84 7.39
CA GLY A 237 -14.91 5.44 7.37
C GLY A 237 -15.33 4.64 6.15
N THR A 238 -14.45 4.46 5.17
CA THR A 238 -14.69 3.60 3.96
C THR A 238 -13.64 2.49 3.92
N HIS A 239 -13.88 1.45 3.12
CA HIS A 239 -12.94 0.33 2.90
C HIS A 239 -11.59 0.89 2.42
N ASP A 240 -11.63 1.80 1.45
CA ASP A 240 -10.42 2.40 0.81
C ASP A 240 -9.68 3.25 1.84
N SER A 241 -10.40 4.12 2.56
CA SER A 241 -9.79 5.11 3.48
C SER A 241 -9.19 4.39 4.69
N LEU A 242 -9.83 3.33 5.18
CA LEU A 242 -9.33 2.50 6.32
C LEU A 242 -8.01 1.85 5.92
N LEU A 243 -7.92 1.30 4.71
CA LEU A 243 -6.70 0.66 4.17
C LEU A 243 -5.57 1.68 4.08
N GLU A 244 -5.84 2.87 3.54
CA GLU A 244 -4.84 3.96 3.36
C GLU A 244 -4.34 4.42 4.73
N ALA A 245 -5.24 4.56 5.71
CA ALA A 245 -4.91 4.99 7.09
C ALA A 245 -4.01 3.94 7.74
N GLY A 246 -4.34 2.65 7.55
CA GLY A 246 -3.54 1.50 8.04
C GLY A 246 -2.10 1.59 7.53
N GLN A 247 -1.91 1.82 6.23
CA GLN A 247 -0.58 1.88 5.57
C GLN A 247 0.19 3.10 6.08
N PHE A 248 -0.52 4.20 6.30
CA PHE A 248 0.05 5.49 6.77
C PHE A 248 0.64 5.29 8.16
N ILE A 249 -0.16 4.76 9.10
CA ILE A 249 0.24 4.49 10.50
C ILE A 249 1.38 3.45 10.52
N ALA A 250 1.26 2.37 9.73
CA ALA A 250 2.29 1.30 9.64
C ALA A 250 3.64 1.91 9.22
N THR A 251 3.64 2.78 8.21
CA THR A 251 4.87 3.44 7.68
C THR A 251 5.53 4.29 8.78
N LEU A 252 4.74 5.10 9.49
CA LEU A 252 5.27 5.99 10.57
C LEU A 252 5.85 5.12 11.71
N GLU A 253 5.07 4.15 12.20
CA GLU A 253 5.44 3.34 13.39
C GLU A 253 6.66 2.47 13.08
N ASN A 254 6.73 1.85 11.90
CA ASN A 254 7.83 0.94 11.52
C ASN A 254 9.12 1.76 11.28
N ARG A 255 8.99 3.00 10.81
CA ARG A 255 10.14 3.93 10.64
C ARG A 255 10.67 4.35 12.03
N GLN A 256 9.78 4.73 12.94
CA GLN A 256 10.12 5.45 14.19
C GLN A 256 10.44 4.48 15.34
N GLY A 257 9.87 3.27 15.32
CA GLY A 257 9.82 2.42 16.51
C GLY A 257 9.00 3.06 17.61
N LEU A 258 8.08 3.97 17.25
CA LEU A 258 7.12 4.63 18.16
C LEU A 258 5.70 4.41 17.62
N LYS A 259 4.73 4.32 18.51
CA LYS A 259 3.30 4.10 18.14
C LYS A 259 2.58 5.44 18.11
N VAL A 260 1.65 5.58 17.17
CA VAL A 260 0.69 6.72 17.09
C VAL A 260 -0.57 6.32 17.86
N ALA A 261 -0.99 7.16 18.81
CA ALA A 261 -2.28 7.06 19.52
C ALA A 261 -2.34 5.77 20.34
N CYS A 262 -1.28 5.48 21.09
CA CYS A 262 -1.22 4.43 22.14
C CYS A 262 -1.69 5.07 23.44
N PRO A 263 -2.94 4.81 23.90
CA PRO A 263 -3.50 5.50 25.06
C PRO A 263 -2.68 5.34 26.35
N GLU A 264 -2.12 4.15 26.57
CA GLU A 264 -1.28 3.85 27.77
C GLU A 264 -0.09 4.83 27.80
N GLU A 265 0.52 5.06 26.64
CA GLU A 265 1.68 5.98 26.53
C GLU A 265 1.24 7.42 26.86
N ILE A 266 0.13 7.88 26.31
CA ILE A 266 -0.36 9.27 26.51
C ILE A 266 -0.73 9.47 28.00
N ALA A 267 -1.36 8.49 28.63
CA ALA A 267 -1.69 8.51 30.07
C ALA A 267 -0.38 8.64 30.87
N TYR A 268 0.63 7.85 30.53
CA TYR A 268 1.98 7.85 31.19
C TYR A 268 2.62 9.24 31.03
N ARG A 269 2.62 9.81 29.81
CA ARG A 269 3.29 11.10 29.52
C ARG A 269 2.49 12.25 30.17
N GLN A 270 1.18 12.08 30.38
CA GLN A 270 0.34 13.06 31.11
C GLN A 270 0.50 12.90 32.63
N LYS A 271 1.16 11.83 33.09
CA LYS A 271 1.40 11.50 34.52
C LYS A 271 0.08 11.09 35.18
N TRP A 272 -0.87 10.58 34.41
CA TRP A 272 -2.16 10.03 34.92
C TRP A 272 -1.93 8.60 35.46
N ILE A 273 -0.91 7.91 34.96
CA ILE A 273 -0.38 6.62 35.51
C ILE A 273 1.16 6.74 35.59
N ASP A 274 1.80 5.99 36.49
CA ASP A 274 3.27 6.05 36.71
C ASP A 274 3.93 4.81 36.08
N ALA A 275 5.26 4.70 36.18
CA ALA A 275 6.09 3.62 35.61
C ALA A 275 5.58 2.25 36.06
N ALA A 276 5.27 2.10 37.35
CA ALA A 276 4.81 0.85 37.98
C ALA A 276 3.47 0.41 37.36
N GLN A 277 2.55 1.35 37.19
CA GLN A 277 1.22 1.07 36.56
C GLN A 277 1.43 0.67 35.09
N LEU A 278 2.30 1.36 34.34
CA LEU A 278 2.58 1.05 32.92
C LEU A 278 3.15 -0.37 32.80
N GLU A 279 4.08 -0.75 33.71
CA GLU A 279 4.68 -2.10 33.77
C GLU A 279 3.58 -3.16 33.96
N LYS A 280 2.63 -2.92 34.87
CA LYS A 280 1.49 -3.84 35.17
C LYS A 280 0.63 -4.02 33.91
N LEU A 281 0.40 -2.95 33.14
CA LEU A 281 -0.39 -2.98 31.88
C LEU A 281 0.35 -3.75 30.79
N ALA A 282 1.68 -3.65 30.75
CA ALA A 282 2.54 -4.28 29.73
C ALA A 282 2.57 -5.82 29.90
N ALA A 283 2.61 -6.31 31.14
CA ALA A 283 2.90 -7.72 31.49
C ALA A 283 1.97 -8.69 30.75
N PRO A 284 0.62 -8.54 30.81
CA PRO A 284 -0.27 -9.47 30.12
C PRO A 284 -0.13 -9.47 28.58
N LEU A 285 0.41 -8.39 28.02
CA LEU A 285 0.57 -8.19 26.56
C LEU A 285 2.02 -8.46 26.13
N ALA A 286 2.86 -8.98 27.05
CA ALA A 286 4.34 -9.04 26.91
C ALA A 286 4.76 -9.98 25.77
N LYS A 287 3.93 -10.95 25.38
CA LYS A 287 4.27 -11.95 24.34
C LYS A 287 4.14 -11.32 22.94
N ASN A 288 3.62 -10.10 22.82
CA ASN A 288 3.36 -9.43 21.52
C ASN A 288 4.03 -8.05 21.50
N GLY A 289 4.12 -7.47 20.30
CA GLY A 289 4.80 -6.18 20.01
C GLY A 289 4.28 -5.01 20.82
N TYR A 290 3.01 -5.03 21.25
CA TYR A 290 2.35 -3.92 22.02
C TYR A 290 2.89 -3.89 23.45
N GLY A 291 2.87 -5.03 24.17
CA GLY A 291 3.40 -5.13 25.54
C GLY A 291 4.89 -4.84 25.58
N GLN A 292 5.64 -5.36 24.60
CA GLN A 292 7.10 -5.12 24.46
C GLN A 292 7.34 -3.62 24.29
N TYR A 293 6.51 -2.95 23.48
CA TYR A 293 6.57 -1.48 23.24
C TYR A 293 6.39 -0.75 24.57
N LEU A 294 5.38 -1.13 25.37
CA LEU A 294 5.06 -0.41 26.63
C LEU A 294 6.24 -0.53 27.59
N LYS A 295 6.89 -1.72 27.63
CA LYS A 295 8.06 -1.98 28.51
C LYS A 295 9.23 -1.09 28.06
N ARG A 296 9.47 -0.97 26.76
CA ARG A 296 10.61 -0.20 26.20
C ARG A 296 10.46 1.28 26.58
N LEU A 297 9.23 1.81 26.67
CA LEU A 297 8.98 3.22 27.07
C LEU A 297 9.56 3.51 28.46
N LEU A 298 9.62 2.49 29.32
CA LEU A 298 10.10 2.65 30.72
C LEU A 298 11.61 2.88 30.75
N THR A 299 12.36 2.39 29.76
CA THR A 299 13.84 2.29 29.80
C THR A 299 14.50 3.36 28.89
N GLU A 300 13.78 3.93 27.91
CA GLU A 300 14.29 5.01 27.04
C GLU A 300 13.62 6.36 27.42
N THR A 301 14.37 7.43 27.30
CA THR A 301 13.87 8.84 27.28
C THR A 301 13.48 9.16 25.83
N VAL A 302 12.21 9.47 25.59
CA VAL A 302 11.71 9.96 24.26
C VAL A 302 11.38 11.46 24.35
N TYR A 303 12.07 12.27 23.57
CA TYR A 303 11.89 13.75 23.50
C TYR A 303 10.71 14.08 22.57
N MET B 11 -20.38 -40.04 -3.06
CA MET B 11 -20.18 -39.87 -1.59
C MET B 11 -20.07 -38.36 -1.29
N LYS B 12 -20.82 -37.88 -0.29
CA LYS B 12 -20.88 -36.45 0.09
C LYS B 12 -19.55 -36.03 0.72
N ARG B 13 -19.15 -34.77 0.51
CA ARG B 13 -17.97 -34.16 1.20
C ARG B 13 -18.45 -32.98 2.05
N LYS B 14 -18.14 -33.03 3.35
CA LYS B 14 -18.47 -31.96 4.32
C LYS B 14 -17.23 -31.09 4.55
N GLY B 15 -17.44 -29.82 4.89
CA GLY B 15 -16.38 -28.83 5.09
C GLY B 15 -16.24 -28.44 6.55
N ILE B 16 -15.02 -28.12 6.98
CA ILE B 16 -14.70 -27.52 8.30
C ILE B 16 -13.85 -26.29 8.07
N ILE B 17 -14.27 -25.15 8.64
CA ILE B 17 -13.40 -23.94 8.81
C ILE B 17 -12.97 -23.91 10.27
N LEU B 18 -11.67 -24.03 10.53
CA LEU B 18 -11.08 -23.78 11.85
C LEU B 18 -10.63 -22.31 11.90
N ALA B 19 -11.41 -21.48 12.61
CA ALA B 19 -11.11 -20.07 12.91
C ALA B 19 -10.61 -20.01 14.36
N GLY B 20 -9.40 -20.51 14.57
CA GLY B 20 -8.81 -20.75 15.91
C GLY B 20 -8.51 -19.44 16.61
N GLY B 21 -8.38 -19.49 17.94
CA GLY B 21 -7.88 -18.37 18.75
C GLY B 21 -6.41 -18.10 18.44
N SER B 22 -6.02 -16.82 18.44
CA SER B 22 -4.62 -16.35 18.30
C SER B 22 -4.08 -15.92 19.67
N GLY B 23 -4.78 -16.27 20.75
CA GLY B 23 -4.48 -15.83 22.12
C GLY B 23 -4.48 -14.32 22.24
N THR B 24 -3.42 -13.75 22.82
CA THR B 24 -3.20 -12.29 22.97
C THR B 24 -2.25 -11.79 21.87
N ARG B 25 -1.95 -12.63 20.85
CA ARG B 25 -0.95 -12.35 19.79
C ARG B 25 -1.29 -11.04 19.05
N LEU B 26 -2.57 -10.81 18.70
CA LEU B 26 -3.01 -9.63 17.90
C LEU B 26 -3.68 -8.58 18.79
N HIS B 27 -3.68 -8.76 20.12
CA HIS B 27 -4.20 -7.75 21.09
C HIS B 27 -3.28 -6.53 21.07
N PRO B 28 -3.80 -5.29 21.21
CA PRO B 28 -5.22 -5.02 21.48
C PRO B 28 -6.14 -4.86 20.27
N ALA B 29 -5.63 -4.93 19.04
CA ALA B 29 -6.40 -4.73 17.78
C ALA B 29 -7.60 -5.69 17.74
N THR B 30 -7.43 -6.91 18.26
CA THR B 30 -8.44 -8.00 18.28
C THR B 30 -9.16 -8.02 19.63
N ILE B 33 -12.82 -7.17 18.02
CA ILE B 33 -13.21 -8.01 16.85
C ILE B 33 -12.15 -9.09 16.61
N SER B 34 -12.57 -10.36 16.60
CA SER B 34 -11.70 -11.54 16.40
C SER B 34 -11.03 -11.48 15.03
N LYS B 35 -9.90 -12.18 14.90
CA LYS B 35 -9.02 -12.19 13.71
C LYS B 35 -9.85 -12.44 12.43
N GLN B 36 -10.65 -13.50 12.41
CA GLN B 36 -11.34 -13.99 11.18
C GLN B 36 -12.61 -13.18 10.93
N LEU B 37 -12.95 -12.26 11.84
CA LEU B 37 -14.06 -11.29 11.67
C LEU B 37 -13.50 -9.96 11.11
N LEU B 38 -12.18 -9.74 11.19
CA LEU B 38 -11.53 -8.53 10.61
C LEU B 38 -11.74 -8.53 9.11
N PRO B 39 -11.93 -7.35 8.49
CA PRO B 39 -12.10 -7.27 7.05
C PRO B 39 -10.77 -7.42 6.32
N VAL B 40 -10.80 -8.16 5.20
CA VAL B 40 -9.75 -8.09 4.15
C VAL B 40 -10.35 -7.22 3.04
N TYR B 41 -10.01 -5.94 3.09
CA TYR B 41 -10.53 -4.82 2.26
C TYR B 41 -12.01 -4.56 2.57
N ASP B 42 -12.93 -5.36 2.00
CA ASP B 42 -14.37 -5.01 1.88
C ASP B 42 -15.29 -6.11 2.43
N LYS B 43 -14.75 -7.14 3.08
CA LYS B 43 -15.58 -8.26 3.59
C LYS B 43 -14.82 -8.99 4.69
N PRO B 44 -15.54 -9.64 5.64
CA PRO B 44 -14.89 -10.36 6.72
C PRO B 44 -13.92 -11.42 6.20
N MET B 45 -12.79 -11.61 6.89
CA MET B 45 -11.75 -12.60 6.55
C MET B 45 -12.40 -13.97 6.26
N ILE B 46 -13.40 -14.37 7.05
CA ILE B 46 -14.00 -15.73 6.97
C ILE B 46 -14.74 -15.94 5.63
N TYR B 47 -15.11 -14.87 4.92
CA TYR B 47 -15.75 -14.97 3.58
C TYR B 47 -14.82 -15.70 2.60
N TYR B 48 -13.50 -15.59 2.80
CA TYR B 48 -12.47 -16.14 1.87
C TYR B 48 -12.42 -17.67 1.99
N PRO B 49 -12.14 -18.27 3.18
CA PRO B 49 -12.19 -19.72 3.32
C PRO B 49 -13.60 -20.30 3.08
N LEU B 50 -14.67 -19.59 3.47
CA LEU B 50 -16.06 -20.02 3.20
C LEU B 50 -16.27 -20.13 1.68
N SER B 51 -15.92 -19.09 0.94
CA SER B 51 -16.00 -19.04 -0.55
C SER B 51 -15.16 -20.16 -1.17
N THR B 52 -14.01 -20.50 -0.57
CA THR B 52 -13.11 -21.58 -1.05
C THR B 52 -13.84 -22.93 -0.98
N LEU B 53 -14.44 -23.27 0.17
CA LEU B 53 -15.21 -24.53 0.34
C LEU B 53 -16.39 -24.55 -0.62
N MET B 54 -17.07 -23.41 -0.80
CA MET B 54 -18.24 -23.27 -1.69
C MET B 54 -17.81 -23.51 -3.15
N LEU B 55 -16.63 -23.02 -3.53
CA LEU B 55 -16.09 -23.19 -4.89
C LEU B 55 -15.78 -24.68 -5.15
N ALA B 56 -15.41 -25.41 -4.11
CA ALA B 56 -15.16 -26.88 -4.14
C ALA B 56 -16.47 -27.66 -4.22
N GLY B 57 -17.63 -26.97 -4.10
CA GLY B 57 -18.96 -27.57 -4.19
C GLY B 57 -19.46 -28.07 -2.85
N ILE B 58 -18.87 -27.61 -1.74
CA ILE B 58 -19.24 -28.05 -0.36
C ILE B 58 -20.28 -27.06 0.19
N ARG B 59 -21.44 -27.59 0.61
CA ARG B 59 -22.61 -26.82 1.11
C ARG B 59 -22.82 -27.04 2.62
N GLU B 60 -22.29 -28.14 3.17
CA GLU B 60 -22.48 -28.52 4.60
C GLU B 60 -21.15 -28.26 5.32
N ILE B 61 -21.13 -27.25 6.19
CA ILE B 61 -19.87 -26.66 6.74
C ILE B 61 -20.00 -26.48 8.25
N LEU B 62 -19.03 -27.02 8.99
CA LEU B 62 -18.86 -26.79 10.44
C LEU B 62 -17.83 -25.66 10.63
N ILE B 63 -18.22 -24.58 11.31
CA ILE B 63 -17.30 -23.48 11.72
C ILE B 63 -16.91 -23.71 13.18
N ILE B 64 -15.63 -23.97 13.40
CA ILE B 64 -15.00 -24.21 14.73
C ILE B 64 -14.22 -22.96 15.10
N SER B 65 -14.51 -22.38 16.26
CA SER B 65 -13.83 -21.16 16.78
C SER B 65 -13.76 -21.22 18.31
N THR B 66 -13.26 -20.15 18.93
CA THR B 66 -13.19 -20.04 20.41
C THR B 66 -14.60 -19.88 20.97
N PRO B 67 -14.84 -20.19 22.26
CA PRO B 67 -16.15 -19.97 22.86
C PRO B 67 -16.64 -18.52 22.68
N GLN B 68 -15.72 -17.56 22.74
CA GLN B 68 -16.04 -16.10 22.67
C GLN B 68 -16.37 -15.68 21.24
N ASP B 69 -15.74 -16.28 20.22
CA ASP B 69 -15.91 -15.88 18.80
C ASP B 69 -17.09 -16.62 18.14
N THR B 70 -17.42 -17.84 18.58
CA THR B 70 -18.44 -18.71 17.96
C THR B 70 -19.75 -17.95 17.82
N PRO B 71 -20.27 -17.26 18.88
CA PRO B 71 -21.52 -16.50 18.76
C PRO B 71 -21.48 -15.39 17.71
N ARG B 72 -20.32 -14.76 17.51
CA ARG B 72 -20.14 -13.63 16.57
C ARG B 72 -20.20 -14.17 15.13
N PHE B 73 -19.64 -15.36 14.86
CA PHE B 73 -19.74 -16.04 13.55
C PHE B 73 -21.21 -16.42 13.29
N GLN B 74 -21.89 -16.96 14.30
CA GLN B 74 -23.34 -17.35 14.22
C GLN B 74 -24.17 -16.12 13.87
N GLN B 75 -23.91 -14.97 14.53
CA GLN B 75 -24.64 -13.69 14.31
C GLN B 75 -24.43 -13.23 12.86
N LEU B 76 -23.22 -13.42 12.32
CA LEU B 76 -22.84 -12.96 10.96
C LEU B 76 -23.45 -13.89 9.90
N LEU B 77 -23.29 -15.21 10.04
CA LEU B 77 -23.53 -16.19 8.95
C LEU B 77 -24.87 -16.93 9.17
N GLY B 78 -25.35 -17.05 10.41
CA GLY B 78 -26.58 -17.80 10.74
C GLY B 78 -26.44 -19.26 10.35
N ASP B 79 -27.53 -19.88 9.90
CA ASP B 79 -27.58 -21.32 9.51
C ASP B 79 -27.18 -21.47 8.04
N GLY B 80 -27.01 -20.36 7.32
CA GLY B 80 -26.47 -20.32 5.95
C GLY B 80 -27.50 -20.63 4.89
N SER B 81 -28.77 -20.85 5.27
CA SER B 81 -29.85 -21.28 4.33
C SER B 81 -30.11 -20.17 3.29
N ASN B 82 -29.84 -18.92 3.65
CA ASN B 82 -29.91 -17.73 2.75
C ASN B 82 -28.96 -17.90 1.55
N TRP B 83 -27.88 -18.67 1.71
CA TRP B 83 -26.83 -18.86 0.67
C TRP B 83 -26.87 -20.31 0.16
N GLY B 84 -27.93 -21.05 0.47
CA GLY B 84 -28.10 -22.46 0.07
C GLY B 84 -27.15 -23.37 0.83
N LEU B 85 -26.66 -22.92 1.98
CA LEU B 85 -25.70 -23.67 2.83
C LEU B 85 -26.43 -24.27 4.04
N ASP B 86 -25.76 -25.22 4.69
CA ASP B 86 -26.13 -25.79 6.01
C ASP B 86 -24.93 -25.59 6.93
N LEU B 87 -24.92 -24.47 7.67
CA LEU B 87 -23.80 -24.08 8.58
C LEU B 87 -24.12 -24.58 9.99
N GLN B 88 -23.13 -25.19 10.64
CA GLN B 88 -23.16 -25.57 12.07
C GLN B 88 -21.94 -24.96 12.75
N TYR B 89 -21.95 -24.95 14.08
CA TYR B 89 -20.93 -24.26 14.93
C TYR B 89 -20.53 -25.20 16.06
N ALA B 90 -19.24 -25.20 16.37
CA ALA B 90 -18.64 -25.92 17.52
C ALA B 90 -17.52 -25.04 18.08
N VAL B 91 -17.16 -25.28 19.34
CA VAL B 91 -16.10 -24.52 20.03
C VAL B 91 -14.84 -25.38 20.12
N GLN B 92 -13.68 -24.76 19.94
CA GLN B 92 -12.36 -25.28 20.38
C GLN B 92 -12.06 -24.63 21.73
N PRO B 93 -12.24 -25.34 22.86
CA PRO B 93 -11.97 -24.79 24.19
C PRO B 93 -10.60 -24.11 24.30
N SER B 94 -9.55 -24.76 23.78
CA SER B 94 -8.14 -24.28 23.83
C SER B 94 -7.44 -24.62 22.51
N PRO B 95 -6.51 -23.78 22.02
CA PRO B 95 -5.86 -24.01 20.73
C PRO B 95 -4.77 -25.08 20.82
N ASP B 96 -5.17 -26.35 20.93
CA ASP B 96 -4.28 -27.52 21.15
C ASP B 96 -3.94 -28.21 19.84
N GLY B 97 -4.07 -27.52 18.69
CA GLY B 97 -3.63 -28.03 17.38
C GLY B 97 -4.77 -28.16 16.39
N LEU B 98 -4.43 -28.09 15.12
CA LEU B 98 -5.39 -28.00 13.98
C LEU B 98 -6.10 -29.35 13.78
N ALA B 99 -5.41 -30.47 14.06
CA ALA B 99 -5.95 -31.84 13.88
C ALA B 99 -7.11 -32.10 14.84
N GLN B 100 -7.24 -31.26 15.89
CA GLN B 100 -8.34 -31.33 16.88
C GLN B 100 -9.69 -31.06 16.18
N ALA B 101 -9.68 -30.41 15.00
CA ALA B 101 -10.89 -30.15 14.19
C ALA B 101 -11.65 -31.45 13.90
N PHE B 102 -10.92 -32.56 13.72
CA PHE B 102 -11.47 -33.88 13.32
C PHE B 102 -12.09 -34.58 14.53
N LEU B 103 -11.63 -34.29 15.75
CA LEU B 103 -12.20 -34.82 17.01
C LEU B 103 -13.46 -34.01 17.34
N ILE B 104 -13.33 -32.68 17.40
CA ILE B 104 -14.47 -31.74 17.61
C ILE B 104 -15.53 -32.03 16.54
N GLY B 105 -15.12 -32.25 15.29
CA GLY B 105 -16.03 -32.42 14.15
C GLY B 105 -16.38 -33.87 13.86
N GLU B 106 -16.07 -34.82 14.75
CA GLU B 106 -16.20 -36.27 14.49
C GLU B 106 -17.66 -36.62 14.11
N SER B 107 -18.64 -36.25 14.94
CA SER B 107 -20.06 -36.61 14.69
C SER B 107 -20.59 -35.84 13.48
N PHE B 108 -20.14 -34.60 13.26
CA PHE B 108 -20.49 -33.79 12.08
C PHE B 108 -20.03 -34.50 10.80
N ILE B 109 -18.79 -35.00 10.76
CA ILE B 109 -18.20 -35.70 9.57
C ILE B 109 -18.97 -37.01 9.35
N GLY B 110 -19.28 -37.75 10.41
CA GLY B 110 -19.95 -39.06 10.33
C GLY B 110 -19.17 -40.00 9.44
N ASN B 111 -19.80 -40.49 8.36
CA ASN B 111 -19.21 -41.50 7.44
C ASN B 111 -18.77 -40.85 6.13
N ASP B 112 -18.73 -39.52 6.07
CA ASP B 112 -18.54 -38.77 4.81
C ASP B 112 -17.06 -38.44 4.60
N LEU B 113 -16.72 -38.06 3.37
CA LEU B 113 -15.45 -37.39 3.00
C LEU B 113 -15.48 -35.99 3.63
N SER B 114 -14.33 -35.36 3.82
CA SER B 114 -14.23 -34.01 4.44
C SER B 114 -13.19 -33.14 3.73
N ALA B 115 -13.27 -31.84 3.98
CA ALA B 115 -12.26 -30.82 3.62
C ALA B 115 -12.09 -29.89 4.83
N LEU B 116 -10.84 -29.57 5.15
CA LEU B 116 -10.48 -28.62 6.23
C LEU B 116 -9.81 -27.40 5.60
N VAL B 117 -10.27 -26.20 5.95
CA VAL B 117 -9.63 -24.91 5.55
C VAL B 117 -9.35 -24.09 6.81
N LEU B 118 -8.21 -23.38 6.85
CA LEU B 118 -7.87 -22.46 7.98
C LEU B 118 -8.50 -21.08 7.74
N GLY B 119 -8.85 -20.39 8.83
CA GLY B 119 -9.68 -19.16 8.80
C GLY B 119 -8.96 -17.95 8.22
N ASP B 120 -7.63 -17.90 8.27
CA ASP B 120 -6.83 -16.69 7.89
C ASP B 120 -6.03 -16.96 6.60
N ASN B 121 -6.50 -17.90 5.77
CA ASN B 121 -5.89 -18.22 4.46
C ASN B 121 -6.76 -17.60 3.37
N LEU B 122 -6.10 -16.91 2.43
CA LEU B 122 -6.70 -16.30 1.22
C LEU B 122 -6.08 -16.98 -0.01
N TYR B 123 -6.91 -17.44 -0.95
CA TYR B 123 -6.50 -18.02 -2.24
C TYR B 123 -7.09 -17.20 -3.39
N TYR B 124 -6.33 -17.08 -4.48
CA TYR B 124 -6.76 -16.40 -5.73
C TYR B 124 -6.02 -17.03 -6.92
N GLY B 125 -6.75 -17.29 -8.02
CA GLY B 125 -6.10 -17.61 -9.30
C GLY B 125 -7.01 -18.31 -10.29
N HIS B 126 -6.53 -18.39 -11.54
CA HIS B 126 -7.24 -19.00 -12.68
C HIS B 126 -7.07 -20.53 -12.63
N ASP B 127 -8.19 -21.24 -12.75
CA ASP B 127 -8.32 -22.71 -12.66
C ASP B 127 -8.51 -23.14 -11.20
N PHE B 128 -8.76 -22.23 -10.25
CA PHE B 128 -8.87 -22.60 -8.81
C PHE B 128 -10.08 -23.53 -8.63
N HIS B 129 -11.19 -23.25 -9.33
CA HIS B 129 -12.40 -24.11 -9.39
C HIS B 129 -12.00 -25.51 -9.85
N GLU B 130 -11.19 -25.59 -10.91
CA GLU B 130 -10.76 -26.88 -11.52
C GLU B 130 -9.81 -27.59 -10.55
N LEU B 131 -8.89 -26.85 -9.92
CA LEU B 131 -7.89 -27.38 -8.96
C LEU B 131 -8.61 -28.00 -7.75
N LEU B 132 -9.64 -27.33 -7.22
CA LEU B 132 -10.43 -27.83 -6.07
C LEU B 132 -11.28 -29.02 -6.53
N GLY B 133 -11.94 -28.89 -7.69
CA GLY B 133 -12.80 -29.91 -8.31
C GLY B 133 -12.11 -31.26 -8.37
N SER B 134 -10.86 -31.29 -8.87
CA SER B 134 -10.08 -32.53 -9.09
C SER B 134 -9.76 -33.19 -7.74
N ALA B 135 -9.23 -32.42 -6.79
CA ALA B 135 -8.95 -32.87 -5.40
C ALA B 135 -10.23 -33.44 -4.77
N SER B 136 -11.36 -32.74 -4.94
CA SER B 136 -12.67 -33.08 -4.33
C SER B 136 -13.21 -34.40 -4.87
N GLN B 137 -12.93 -34.74 -6.14
CA GLN B 137 -13.50 -35.89 -6.86
C GLN B 137 -12.78 -37.20 -6.48
N ARG B 138 -11.59 -37.12 -5.86
CA ARG B 138 -10.88 -38.32 -5.32
C ARG B 138 -11.68 -38.90 -4.15
N GLN B 139 -12.17 -40.14 -4.30
CA GLN B 139 -13.05 -40.83 -3.32
C GLN B 139 -12.24 -41.47 -2.19
N THR B 140 -10.93 -41.64 -2.38
CA THR B 140 -10.02 -42.30 -1.39
C THR B 140 -8.73 -41.50 -1.25
N GLY B 141 -8.05 -41.67 -0.11
CA GLY B 141 -6.81 -40.97 0.22
C GLY B 141 -7.06 -39.51 0.56
N ALA B 142 -5.99 -38.72 0.60
CA ALA B 142 -5.99 -37.30 0.99
C ALA B 142 -5.29 -36.47 -0.10
N SER B 143 -5.72 -35.21 -0.26
CA SER B 143 -5.10 -34.23 -1.19
C SER B 143 -4.70 -32.96 -0.42
N VAL B 144 -3.45 -32.53 -0.58
CA VAL B 144 -2.94 -31.23 -0.06
C VAL B 144 -2.27 -30.48 -1.22
N PHE B 145 -1.95 -29.21 -1.00
CA PHE B 145 -1.34 -28.32 -2.01
C PHE B 145 -0.03 -27.77 -1.47
N ALA B 146 1.00 -27.81 -2.31
CA ALA B 146 2.37 -27.32 -2.03
C ALA B 146 2.60 -26.02 -2.80
N TYR B 147 3.08 -24.99 -2.11
CA TYR B 147 3.24 -23.62 -2.64
C TYR B 147 4.63 -23.11 -2.26
N HIS B 148 5.37 -22.60 -3.24
CA HIS B 148 6.73 -22.03 -3.04
C HIS B 148 6.60 -20.73 -2.23
N VAL B 149 7.24 -20.67 -1.06
CA VAL B 149 7.22 -19.48 -0.16
C VAL B 149 8.66 -19.09 0.18
N LEU B 150 8.85 -17.85 0.62
CA LEU B 150 10.16 -17.31 1.09
C LEU B 150 10.53 -17.96 2.43
N ASP B 151 9.55 -18.19 3.32
CA ASP B 151 9.80 -18.59 4.73
C ASP B 151 9.10 -19.92 5.00
N PRO B 152 9.58 -21.05 4.41
CA PRO B 152 8.92 -22.35 4.57
C PRO B 152 8.92 -22.84 6.04
N GLU B 153 9.91 -22.42 6.82
CA GLU B 153 10.12 -22.85 8.24
C GLU B 153 8.89 -22.49 9.10
N ARG B 154 8.01 -21.61 8.61
CA ARG B 154 6.77 -21.20 9.32
C ARG B 154 5.64 -22.21 9.10
N TYR B 155 5.81 -23.20 8.21
CA TYR B 155 4.72 -24.09 7.74
C TYR B 155 5.13 -25.56 7.80
N GLY B 156 4.20 -26.44 7.45
CA GLY B 156 4.49 -27.81 7.01
C GLY B 156 5.25 -27.75 5.70
N VAL B 157 6.37 -28.47 5.59
CA VAL B 157 7.31 -28.41 4.43
C VAL B 157 7.36 -29.78 3.77
N VAL B 158 7.19 -29.83 2.45
CA VAL B 158 7.20 -31.06 1.63
C VAL B 158 8.59 -31.21 1.00
N GLU B 159 9.19 -32.39 1.15
CA GLU B 159 10.42 -32.80 0.42
C GLU B 159 10.02 -33.68 -0.77
N PHE B 160 10.58 -33.41 -1.93
CA PHE B 160 10.35 -34.17 -3.19
C PHE B 160 11.64 -34.90 -3.59
N ASP B 161 11.51 -36.08 -4.21
CA ASP B 161 12.65 -36.79 -4.85
C ASP B 161 12.87 -36.17 -6.24
N GLN B 162 13.90 -36.64 -6.96
CA GLN B 162 14.28 -36.15 -8.31
C GLN B 162 13.08 -36.25 -9.26
N GLY B 163 12.22 -37.27 -9.08
CA GLY B 163 11.04 -37.53 -9.93
C GLY B 163 9.82 -36.71 -9.54
N GLY B 164 9.93 -35.88 -8.50
CA GLY B 164 8.87 -34.95 -8.06
C GLY B 164 7.83 -35.61 -7.18
N LYS B 165 8.13 -36.80 -6.63
CA LYS B 165 7.24 -37.52 -5.67
C LYS B 165 7.55 -36.99 -4.26
N ALA B 166 6.52 -36.69 -3.47
CA ALA B 166 6.64 -36.28 -2.05
C ALA B 166 7.20 -37.47 -1.26
N ILE B 167 8.25 -37.25 -0.48
CA ILE B 167 8.94 -38.34 0.29
C ILE B 167 9.03 -37.99 1.79
N SER B 168 8.85 -36.73 2.19
CA SER B 168 8.84 -36.35 3.63
C SER B 168 8.00 -35.09 3.85
N LEU B 169 7.39 -35.00 5.04
CA LEU B 169 6.72 -33.80 5.60
C LEU B 169 7.38 -33.49 6.94
N GLU B 170 7.68 -32.21 7.21
CA GLU B 170 8.17 -31.72 8.52
C GLU B 170 7.39 -30.46 8.91
N GLU B 171 6.88 -30.40 10.14
CA GLU B 171 6.18 -29.21 10.70
C GLU B 171 7.23 -28.23 11.22
N LYS B 172 7.30 -27.03 10.62
CA LYS B 172 8.17 -25.90 11.05
C LYS B 172 9.60 -26.38 11.30
N PRO B 173 10.28 -26.97 10.29
CA PRO B 173 11.66 -27.39 10.45
C PRO B 173 12.63 -26.21 10.58
N LEU B 174 13.65 -26.35 11.44
CA LEU B 174 14.76 -25.38 11.58
C LEU B 174 15.55 -25.34 10.25
N GLU B 175 15.66 -26.48 9.57
CA GLU B 175 16.40 -26.63 8.29
C GLU B 175 15.45 -27.20 7.23
N PRO B 176 14.60 -26.36 6.60
CA PRO B 176 13.64 -26.82 5.60
C PRO B 176 14.31 -27.57 4.45
N LYS B 177 13.72 -28.68 4.01
CA LYS B 177 14.26 -29.55 2.92
C LYS B 177 13.87 -28.97 1.55
N SER B 178 12.94 -28.01 1.52
CA SER B 178 12.50 -27.30 0.29
C SER B 178 11.84 -25.97 0.68
N ASN B 179 11.41 -25.21 -0.32
CA ASN B 179 10.70 -23.92 -0.15
C ASN B 179 9.20 -24.15 -0.39
N TYR B 180 8.76 -25.41 -0.43
CA TYR B 180 7.34 -25.80 -0.67
C TYR B 180 6.62 -26.04 0.66
N ALA B 181 5.76 -25.09 1.02
CA ALA B 181 4.88 -25.13 2.20
C ALA B 181 3.57 -25.80 1.82
N VAL B 182 2.98 -26.57 2.73
CA VAL B 182 1.61 -27.14 2.57
C VAL B 182 0.63 -26.02 2.93
N THR B 183 -0.32 -25.68 2.04
CA THR B 183 -1.31 -24.60 2.25
C THR B 183 -2.34 -25.07 3.29
N GLY B 184 -3.17 -24.14 3.79
CA GLY B 184 -4.20 -24.43 4.82
C GLY B 184 -5.49 -24.95 4.22
N LEU B 185 -5.40 -25.82 3.22
CA LEU B 185 -6.55 -26.45 2.52
C LEU B 185 -6.26 -27.95 2.34
N TYR B 186 -7.09 -28.80 2.95
CA TYR B 186 -6.84 -30.26 3.07
C TYR B 186 -8.13 -31.02 2.72
N PHE B 187 -8.01 -32.03 1.84
CA PHE B 187 -9.10 -32.95 1.43
C PHE B 187 -8.81 -34.35 1.98
N TYR B 188 -9.79 -34.97 2.63
CA TYR B 188 -9.65 -36.25 3.37
C TYR B 188 -10.79 -37.23 3.04
N ASP B 189 -10.45 -38.52 3.04
CA ASP B 189 -11.42 -39.65 2.99
C ASP B 189 -11.85 -39.98 4.42
N GLN B 190 -12.50 -41.12 4.64
CA GLN B 190 -13.14 -41.50 5.92
C GLN B 190 -12.12 -41.97 6.95
N GLN B 191 -10.82 -42.03 6.61
CA GLN B 191 -9.75 -42.52 7.52
C GLN B 191 -9.34 -41.41 8.52
N VAL B 192 -9.61 -40.14 8.22
CA VAL B 192 -8.95 -38.99 8.93
C VAL B 192 -9.36 -38.99 10.40
N VAL B 193 -10.63 -39.25 10.72
CA VAL B 193 -11.14 -39.26 12.12
C VAL B 193 -10.31 -40.27 12.93
N ASP B 194 -10.14 -41.49 12.42
CA ASP B 194 -9.41 -42.58 13.12
C ASP B 194 -7.93 -42.21 13.27
N ILE B 195 -7.31 -41.64 12.23
CA ILE B 195 -5.90 -41.17 12.27
C ILE B 195 -5.76 -40.08 13.35
N ALA B 196 -6.69 -39.12 13.38
CA ALA B 196 -6.68 -37.99 14.35
C ALA B 196 -6.79 -38.54 15.77
N ARG B 197 -7.68 -39.53 15.99
CA ARG B 197 -7.93 -40.13 17.33
C ARG B 197 -6.64 -40.73 17.90
N ASP B 198 -5.79 -41.31 17.05
CA ASP B 198 -4.56 -42.05 17.47
C ASP B 198 -3.37 -41.09 17.60
N LEU B 199 -3.48 -39.83 17.16
CA LEU B 199 -2.40 -38.82 17.25
C LEU B 199 -2.05 -38.55 18.71
N LYS B 200 -0.76 -38.45 19.03
CA LYS B 200 -0.23 -37.98 20.34
C LYS B 200 0.34 -36.58 20.16
N PRO B 201 0.27 -35.69 21.18
CA PRO B 201 0.82 -34.34 21.06
C PRO B 201 2.29 -34.35 20.60
N SER B 202 2.68 -33.32 19.84
CA SER B 202 4.04 -33.12 19.27
C SER B 202 4.94 -32.49 20.35
N PRO B 203 6.27 -32.39 20.13
CA PRO B 203 7.14 -31.66 21.06
C PRO B 203 6.58 -30.30 21.50
N ARG B 204 5.90 -29.59 20.60
CA ARG B 204 5.26 -28.27 20.86
C ARG B 204 3.93 -28.44 21.62
N GLY B 205 3.53 -29.67 21.93
CA GLY B 205 2.34 -30.00 22.76
C GLY B 205 1.04 -29.77 22.02
N GLU B 206 0.99 -30.06 20.71
CA GLU B 206 -0.20 -29.84 19.84
C GLU B 206 -0.50 -31.13 19.06
N LEU B 207 -1.78 -31.33 18.70
CA LEU B 207 -2.22 -32.35 17.71
C LEU B 207 -2.08 -31.75 16.31
N GLU B 208 -1.05 -32.19 15.57
CA GLU B 208 -0.54 -31.48 14.37
C GLU B 208 -1.11 -32.13 13.12
N ILE B 209 -1.58 -31.29 12.19
CA ILE B 209 -2.16 -31.72 10.89
C ILE B 209 -1.06 -32.42 10.06
N THR B 210 0.20 -32.03 10.22
CA THR B 210 1.36 -32.63 9.50
C THR B 210 1.45 -34.13 9.85
N ASP B 211 1.14 -34.51 11.10
CA ASP B 211 1.13 -35.93 11.53
C ASP B 211 -0.01 -36.67 10.83
N VAL B 212 -1.17 -36.02 10.66
CA VAL B 212 -2.32 -36.59 9.89
C VAL B 212 -1.84 -36.84 8.45
N ASN B 213 -1.20 -35.85 7.84
CA ASN B 213 -0.79 -35.89 6.41
C ASN B 213 0.30 -36.96 6.23
N ARG B 214 1.22 -37.09 7.19
CA ARG B 214 2.31 -38.10 7.14
C ARG B 214 1.73 -39.52 7.22
N ALA B 215 0.65 -39.72 7.98
CA ALA B 215 -0.05 -41.03 8.08
C ALA B 215 -0.54 -41.45 6.69
N TYR B 216 -1.16 -40.54 5.95
CA TYR B 216 -1.61 -40.77 4.55
C TYR B 216 -0.41 -41.03 3.64
N LEU B 217 0.69 -40.30 3.84
CA LEU B 217 1.92 -40.43 3.01
C LEU B 217 2.48 -41.86 3.18
N GLU B 218 2.52 -42.35 4.41
CA GLU B 218 3.12 -43.68 4.76
C GLU B 218 2.27 -44.81 4.16
N ARG B 219 0.96 -44.61 3.97
CA ARG B 219 0.04 -45.59 3.34
C ARG B 219 0.07 -45.44 1.82
N GLY B 220 0.86 -44.49 1.28
CA GLY B 220 0.89 -44.16 -0.15
C GLY B 220 -0.43 -43.59 -0.64
N GLN B 221 -1.14 -42.84 0.22
CA GLN B 221 -2.49 -42.28 -0.10
C GLN B 221 -2.51 -40.76 0.08
N LEU B 222 -1.36 -40.08 -0.03
CA LEU B 222 -1.29 -38.60 -0.03
C LEU B 222 -0.97 -38.11 -1.45
N SER B 223 -1.91 -37.37 -2.05
CA SER B 223 -1.69 -36.61 -3.30
C SER B 223 -1.24 -35.19 -2.95
N VAL B 224 0.01 -34.84 -3.27
CA VAL B 224 0.57 -33.47 -3.11
C VAL B 224 0.55 -32.80 -4.48
N GLU B 225 -0.42 -31.92 -4.72
CA GLU B 225 -0.55 -31.12 -5.96
C GLU B 225 0.23 -29.81 -5.79
N ILE B 226 1.01 -29.44 -6.79
CA ILE B 226 1.71 -28.12 -6.82
C ILE B 226 0.65 -27.04 -7.08
N MET B 227 0.56 -26.06 -6.18
CA MET B 227 -0.16 -24.79 -6.44
C MET B 227 0.88 -23.82 -7.02
N GLY B 228 0.81 -23.59 -8.33
CA GLY B 228 1.80 -22.84 -9.11
C GLY B 228 1.93 -21.39 -8.65
N ARG B 229 3.04 -20.74 -9.03
CA ARG B 229 3.36 -19.34 -8.69
C ARG B 229 2.33 -18.37 -9.28
N GLY B 230 1.54 -18.82 -10.27
CA GLY B 230 0.45 -18.04 -10.90
C GLY B 230 -0.75 -17.89 -9.98
N TYR B 231 -0.82 -18.65 -8.88
CA TYR B 231 -1.83 -18.50 -7.81
C TYR B 231 -1.25 -17.63 -6.70
N ALA B 232 -2.09 -16.82 -6.07
CA ALA B 232 -1.78 -16.10 -4.82
C ALA B 232 -2.35 -16.91 -3.65
N TRP B 233 -1.47 -17.38 -2.77
CA TRP B 233 -1.80 -17.88 -1.43
C TRP B 233 -1.24 -16.89 -0.42
N LEU B 234 -2.11 -16.15 0.26
CA LEU B 234 -1.73 -15.08 1.21
C LEU B 234 -2.18 -15.48 2.62
N ASP B 235 -1.30 -15.19 3.59
CA ASP B 235 -1.57 -15.30 5.04
C ASP B 235 -2.08 -13.94 5.51
N THR B 236 -3.08 -13.92 6.40
CA THR B 236 -3.72 -12.68 6.90
C THR B 236 -3.61 -12.63 8.43
N GLY B 237 -2.61 -13.30 9.01
CA GLY B 237 -2.50 -13.60 10.45
C GLY B 237 -1.70 -12.59 11.25
N THR B 238 -1.03 -11.63 10.60
CA THR B 238 -0.31 -10.50 11.26
C THR B 238 -0.89 -9.17 10.79
N HIS B 239 -0.61 -8.08 11.52
CA HIS B 239 -1.01 -6.70 11.16
C HIS B 239 -0.51 -6.39 9.74
N ASP B 240 0.75 -6.70 9.46
CA ASP B 240 1.43 -6.40 8.16
C ASP B 240 0.80 -7.23 7.05
N SER B 241 0.61 -8.54 7.26
CA SER B 241 0.12 -9.49 6.23
C SER B 241 -1.34 -9.16 5.90
N LEU B 242 -2.14 -8.80 6.90
CA LEU B 242 -3.57 -8.41 6.71
C LEU B 242 -3.64 -7.16 5.83
N LEU B 243 -2.79 -6.18 6.09
CA LEU B 243 -2.73 -4.91 5.32
C LEU B 243 -2.36 -5.21 3.85
N GLU B 244 -1.34 -6.04 3.62
CA GLU B 244 -0.87 -6.42 2.26
C GLU B 244 -1.99 -7.16 1.51
N ALA B 245 -2.70 -8.06 2.19
CA ALA B 245 -3.83 -8.83 1.61
C ALA B 245 -4.96 -7.87 1.21
N GLY B 246 -5.26 -6.90 2.09
CA GLY B 246 -6.25 -5.84 1.82
C GLY B 246 -5.95 -5.10 0.54
N GLN B 247 -4.70 -4.66 0.35
CA GLN B 247 -4.25 -3.87 -0.82
C GLN B 247 -4.31 -4.74 -2.08
N PHE B 248 -3.98 -6.02 -1.95
CA PHE B 248 -3.97 -7.02 -3.05
C PHE B 248 -5.40 -7.18 -3.58
N ILE B 249 -6.36 -7.45 -2.69
CA ILE B 249 -7.80 -7.63 -3.04
C ILE B 249 -8.35 -6.31 -3.60
N ALA B 250 -8.04 -5.18 -2.98
CA ALA B 250 -8.51 -3.84 -3.43
C ALA B 250 -8.05 -3.59 -4.87
N THR B 251 -6.79 -3.89 -5.18
CA THR B 251 -6.20 -3.68 -6.53
C THR B 251 -6.95 -4.54 -7.56
N LEU B 252 -7.19 -5.82 -7.27
CA LEU B 252 -7.89 -6.75 -8.20
C LEU B 252 -9.33 -6.26 -8.41
N GLU B 253 -10.07 -6.01 -7.32
CA GLU B 253 -11.52 -5.69 -7.38
C GLU B 253 -11.74 -4.34 -8.05
N ASN B 254 -10.91 -3.33 -7.78
CA ASN B 254 -11.05 -1.97 -8.35
C ASN B 254 -10.68 -1.99 -9.83
N ARG B 255 -9.75 -2.86 -10.24
CA ARG B 255 -9.38 -3.06 -11.66
C ARG B 255 -10.55 -3.72 -12.41
N GLN B 256 -11.11 -4.78 -11.84
CA GLN B 256 -12.03 -5.72 -12.54
C GLN B 256 -13.49 -5.26 -12.47
N GLY B 257 -13.88 -4.53 -11.42
CA GLY B 257 -15.30 -4.33 -11.08
C GLY B 257 -15.95 -5.64 -10.72
N LEU B 258 -15.17 -6.61 -10.25
CA LEU B 258 -15.64 -7.93 -9.74
C LEU B 258 -15.06 -8.13 -8.34
N LYS B 259 -15.77 -8.85 -7.48
CA LYS B 259 -15.33 -9.15 -6.10
C LYS B 259 -14.67 -10.53 -6.07
N VAL B 260 -13.65 -10.67 -5.22
CA VAL B 260 -13.04 -11.97 -4.86
C VAL B 260 -13.76 -12.49 -3.60
N ALA B 261 -14.26 -13.72 -3.66
CA ALA B 261 -14.78 -14.48 -2.49
C ALA B 261 -16.02 -13.79 -1.92
N CYS B 262 -16.95 -13.41 -2.80
CA CYS B 262 -18.32 -12.98 -2.43
C CYS B 262 -19.20 -14.23 -2.36
N PRO B 263 -19.56 -14.73 -1.15
CA PRO B 263 -20.27 -16.00 -1.03
C PRO B 263 -21.61 -16.06 -1.78
N GLU B 264 -22.35 -14.95 -1.79
CA GLU B 264 -23.67 -14.84 -2.49
C GLU B 264 -23.45 -15.14 -3.98
N GLU B 265 -22.38 -14.60 -4.56
CA GLU B 265 -22.05 -14.79 -6.00
C GLU B 265 -21.78 -16.28 -6.25
N ILE B 266 -20.97 -16.91 -5.41
CA ILE B 266 -20.56 -18.33 -5.60
C ILE B 266 -21.80 -19.23 -5.45
N ALA B 267 -22.66 -18.97 -4.47
CA ALA B 267 -23.94 -19.71 -4.29
C ALA B 267 -24.78 -19.58 -5.57
N TYR B 268 -24.91 -18.36 -6.10
CA TYR B 268 -25.71 -18.07 -7.33
C TYR B 268 -25.10 -18.82 -8.53
N ARG B 269 -23.79 -18.77 -8.72
CA ARG B 269 -23.11 -19.41 -9.89
C ARG B 269 -23.13 -20.93 -9.71
N GLN B 270 -23.19 -21.45 -8.48
CA GLN B 270 -23.35 -22.92 -8.21
C GLN B 270 -24.81 -23.33 -8.39
N LYS B 271 -25.74 -22.38 -8.51
CA LYS B 271 -27.21 -22.59 -8.68
C LYS B 271 -27.81 -23.13 -7.38
N TRP B 272 -27.18 -22.79 -6.24
CA TRP B 272 -27.69 -23.15 -4.88
C TRP B 272 -28.77 -22.15 -4.48
N ILE B 273 -28.74 -20.93 -5.03
CA ILE B 273 -29.82 -19.91 -4.91
C ILE B 273 -30.12 -19.39 -6.32
N ASP B 274 -31.36 -18.94 -6.56
CA ASP B 274 -31.81 -18.44 -7.88
C ASP B 274 -31.86 -16.91 -7.85
N ALA B 275 -32.25 -16.30 -8.98
CA ALA B 275 -32.29 -14.84 -9.20
C ALA B 275 -33.16 -14.17 -8.12
N ALA B 276 -34.33 -14.76 -7.83
CA ALA B 276 -35.32 -14.22 -6.86
C ALA B 276 -34.70 -14.18 -5.45
N GLN B 277 -34.01 -15.25 -5.04
CA GLN B 277 -33.33 -15.33 -3.72
C GLN B 277 -32.22 -14.28 -3.65
N LEU B 278 -31.41 -14.15 -4.72
CA LEU B 278 -30.30 -13.17 -4.76
C LEU B 278 -30.85 -11.73 -4.65
N GLU B 279 -31.96 -11.45 -5.34
CA GLU B 279 -32.62 -10.12 -5.32
C GLU B 279 -33.05 -9.78 -3.88
N LYS B 280 -33.64 -10.75 -3.17
CA LYS B 280 -34.08 -10.59 -1.76
C LYS B 280 -32.88 -10.26 -0.86
N LEU B 281 -31.73 -10.90 -1.08
CA LEU B 281 -30.47 -10.67 -0.32
C LEU B 281 -29.93 -9.27 -0.60
N ALA B 282 -30.02 -8.80 -1.85
CA ALA B 282 -29.43 -7.54 -2.34
C ALA B 282 -30.17 -6.33 -1.77
N ALA B 283 -31.51 -6.39 -1.65
CA ALA B 283 -32.39 -5.24 -1.37
C ALA B 283 -31.96 -4.51 -0.09
N PRO B 284 -31.83 -5.20 1.08
CA PRO B 284 -31.44 -4.52 2.32
C PRO B 284 -30.04 -3.90 2.29
N LEU B 285 -29.17 -4.37 1.38
CA LEU B 285 -27.75 -3.94 1.26
C LEU B 285 -27.61 -2.92 0.11
N ALA B 286 -28.73 -2.50 -0.51
CA ALA B 286 -28.76 -1.73 -1.77
C ALA B 286 -28.11 -0.35 -1.60
N GLY B 289 -22.44 -0.46 -1.93
CA GLY B 289 -21.61 -1.07 -3.00
C GLY B 289 -21.77 -2.58 -3.08
N TYR B 290 -22.03 -3.26 -1.96
CA TYR B 290 -22.18 -4.73 -1.87
C TYR B 290 -23.52 -5.15 -2.48
N GLY B 291 -24.63 -4.55 -2.04
CA GLY B 291 -25.98 -4.80 -2.58
C GLY B 291 -26.07 -4.48 -4.07
N GLN B 292 -25.48 -3.35 -4.49
CA GLN B 292 -25.41 -2.92 -5.91
C GLN B 292 -24.66 -3.98 -6.72
N TYR B 293 -23.56 -4.52 -6.17
CA TYR B 293 -22.76 -5.61 -6.80
C TYR B 293 -23.64 -6.85 -7.01
N LEU B 294 -24.41 -7.26 -5.99
CA LEU B 294 -25.26 -8.47 -6.05
C LEU B 294 -26.32 -8.29 -7.15
N LYS B 295 -26.89 -7.09 -7.29
CA LYS B 295 -27.91 -6.77 -8.32
C LYS B 295 -27.29 -6.89 -9.72
N ARG B 296 -26.06 -6.40 -9.90
CA ARG B 296 -25.35 -6.43 -11.22
C ARG B 296 -25.14 -7.88 -11.66
N LEU B 297 -24.91 -8.81 -10.73
CA LEU B 297 -24.75 -10.28 -11.03
C LEU B 297 -25.98 -10.80 -11.78
N LEU B 298 -27.17 -10.26 -11.52
CA LEU B 298 -28.44 -10.74 -12.13
C LEU B 298 -28.47 -10.42 -13.63
N THR B 299 -27.82 -9.33 -14.06
CA THR B 299 -28.05 -8.69 -15.38
C THR B 299 -26.86 -8.92 -16.34
N GLU B 300 -25.68 -9.27 -15.83
CA GLU B 300 -24.41 -9.29 -16.61
C GLU B 300 -23.96 -10.73 -16.87
N THR B 301 -23.49 -11.03 -18.07
CA THR B 301 -22.77 -12.28 -18.40
C THR B 301 -21.29 -12.07 -18.09
N VAL B 302 -20.75 -12.81 -17.13
CA VAL B 302 -19.31 -12.83 -16.75
C VAL B 302 -18.77 -14.22 -17.14
N TYR B 303 -17.85 -14.27 -18.11
CA TYR B 303 -17.27 -15.52 -18.65
C TYR B 303 -16.12 -15.99 -17.74
N LYS C 12 9.69 -18.53 -35.45
CA LYS C 12 8.29 -18.79 -35.89
C LYS C 12 7.46 -17.50 -35.79
N ARG C 13 7.69 -16.67 -34.77
CA ARG C 13 6.92 -15.42 -34.53
C ARG C 13 7.90 -14.35 -34.02
N LYS C 14 7.83 -13.13 -34.55
CA LYS C 14 8.64 -11.96 -34.12
C LYS C 14 7.79 -11.08 -33.20
N GLY C 15 8.44 -10.36 -32.28
CA GLY C 15 7.76 -9.51 -31.27
C GLY C 15 8.03 -8.04 -31.54
N ILE C 16 7.05 -7.19 -31.22
CA ILE C 16 7.20 -5.71 -31.18
C ILE C 16 6.71 -5.22 -29.81
N ILE C 17 7.53 -4.43 -29.12
CA ILE C 17 7.12 -3.61 -27.95
C ILE C 17 7.01 -2.15 -28.43
N LEU C 18 5.80 -1.60 -28.42
CA LEU C 18 5.60 -0.16 -28.72
C LEU C 18 5.58 0.60 -27.38
N ALA C 19 6.65 1.34 -27.11
CA ALA C 19 6.83 2.19 -25.91
C ALA C 19 6.66 3.66 -26.32
N GLY C 20 5.41 4.13 -26.39
CA GLY C 20 5.03 5.50 -26.81
C GLY C 20 5.56 6.60 -25.88
N SER C 34 10.93 8.31 -19.69
CA SER C 34 9.77 7.63 -20.31
C SER C 34 9.17 6.58 -19.35
N LYS C 35 7.85 6.46 -19.41
CA LYS C 35 7.00 5.56 -18.58
C LYS C 35 7.66 4.19 -18.42
N GLN C 36 8.07 3.55 -19.53
CA GLN C 36 8.45 2.12 -19.59
C GLN C 36 9.87 1.92 -19.03
N LEU C 37 10.57 3.00 -18.68
CA LEU C 37 11.89 2.95 -17.97
C LEU C 37 11.68 3.00 -16.44
N LEU C 38 10.52 3.49 -15.98
CA LEU C 38 10.20 3.59 -14.54
C LEU C 38 10.12 2.18 -13.94
N PRO C 39 10.55 1.99 -12.68
CA PRO C 39 10.50 0.66 -12.06
C PRO C 39 9.08 0.31 -11.58
N VAL C 40 8.70 -0.95 -11.76
CA VAL C 40 7.54 -1.58 -11.06
C VAL C 40 8.16 -2.46 -9.96
N TYR C 41 8.24 -1.89 -8.77
CA TYR C 41 8.87 -2.47 -7.54
C TYR C 41 10.39 -2.58 -7.70
N ASP C 42 10.88 -3.62 -8.39
CA ASP C 42 12.30 -4.06 -8.31
C ASP C 42 12.94 -4.17 -9.71
N LYS C 43 12.25 -3.74 -10.77
CA LYS C 43 12.79 -3.87 -12.15
C LYS C 43 12.08 -2.89 -13.08
N PRO C 44 12.74 -2.46 -14.17
CA PRO C 44 12.13 -1.52 -15.13
C PRO C 44 10.81 -2.07 -15.68
N MET C 45 9.85 -1.18 -15.91
CA MET C 45 8.51 -1.53 -16.44
C MET C 45 8.65 -2.42 -17.68
N ILE C 46 9.61 -2.15 -18.56
CA ILE C 46 9.73 -2.84 -19.86
C ILE C 46 10.11 -4.32 -19.68
N TYR C 47 10.66 -4.70 -18.52
CA TYR C 47 10.96 -6.13 -18.20
C TYR C 47 9.66 -6.96 -18.27
N TYR C 48 8.50 -6.37 -17.99
CA TYR C 48 7.20 -7.08 -17.90
C TYR C 48 6.71 -7.44 -19.30
N PRO C 49 6.50 -6.49 -20.26
CA PRO C 49 6.15 -6.85 -21.63
C PRO C 49 7.23 -7.69 -22.33
N LEU C 50 8.51 -7.41 -22.08
CA LEU C 50 9.64 -8.21 -22.63
C LEU C 50 9.50 -9.67 -22.17
N SER C 51 9.33 -9.89 -20.86
CA SER C 51 9.13 -11.22 -20.24
C SER C 51 7.90 -11.91 -20.81
N THR C 52 6.84 -11.15 -21.14
CA THR C 52 5.57 -11.66 -21.72
C THR C 52 5.87 -12.28 -23.09
N LEU C 53 6.55 -11.53 -23.97
CA LEU C 53 6.93 -12.02 -25.33
C LEU C 53 7.85 -13.24 -25.18
N MET C 54 8.78 -13.22 -24.22
CA MET C 54 9.77 -14.32 -23.99
C MET C 54 9.02 -15.58 -23.54
N LEU C 55 7.98 -15.42 -22.71
CA LEU C 55 7.15 -16.55 -22.21
C LEU C 55 6.40 -17.19 -23.37
N ALA C 56 6.02 -16.39 -24.38
CA ALA C 56 5.35 -16.85 -25.62
C ALA C 56 6.35 -17.53 -26.56
N GLY C 57 7.65 -17.54 -26.21
CA GLY C 57 8.73 -18.20 -26.99
C GLY C 57 9.30 -17.28 -28.06
N ILE C 58 9.10 -15.98 -27.96
CA ILE C 58 9.59 -14.97 -28.95
C ILE C 58 10.96 -14.46 -28.48
N ARG C 59 11.99 -14.59 -29.32
CA ARG C 59 13.40 -14.22 -29.04
C ARG C 59 13.83 -13.01 -29.87
N GLU C 60 13.15 -12.76 -30.98
CA GLU C 60 13.47 -11.68 -31.95
C GLU C 60 12.45 -10.56 -31.77
N ILE C 61 12.87 -9.42 -31.23
CA ILE C 61 11.98 -8.37 -30.70
C ILE C 61 12.44 -7.00 -31.19
N LEU C 62 11.53 -6.24 -31.80
CA LEU C 62 11.72 -4.82 -32.17
C LEU C 62 11.12 -3.95 -31.06
N ILE C 63 11.93 -3.07 -30.46
CA ILE C 63 11.45 -2.03 -29.51
C ILE C 63 11.31 -0.72 -30.28
N ILE C 64 10.08 -0.23 -30.39
CA ILE C 64 9.73 1.07 -31.04
C ILE C 64 9.45 2.08 -29.94
N SER C 65 10.13 3.23 -29.98
CA SER C 65 9.93 4.34 -29.04
C SER C 65 10.17 5.68 -29.75
N THR C 66 10.10 6.78 -28.99
CA THR C 66 10.33 8.16 -29.49
C THR C 66 11.81 8.32 -29.83
N PRO C 67 12.18 9.34 -30.65
CA PRO C 67 13.59 9.63 -30.91
C PRO C 67 14.41 9.78 -29.62
N GLN C 68 13.83 10.39 -28.58
CA GLN C 68 14.51 10.70 -27.29
C GLN C 68 14.67 9.42 -26.45
N ASP C 69 13.69 8.51 -26.47
CA ASP C 69 13.62 7.36 -25.52
C ASP C 69 14.32 6.13 -26.11
N THR C 70 14.35 5.98 -27.44
CA THR C 70 14.91 4.78 -28.12
C THR C 70 16.35 4.53 -27.65
N PRO C 71 17.23 5.56 -27.59
CA PRO C 71 18.59 5.40 -27.07
C PRO C 71 18.67 4.89 -25.63
N ARG C 72 17.71 5.29 -24.78
CA ARG C 72 17.67 4.90 -23.35
C ARG C 72 17.32 3.41 -23.22
N PHE C 73 16.42 2.90 -24.06
CA PHE C 73 16.09 1.45 -24.12
C PHE C 73 17.32 0.67 -24.60
N GLN C 74 18.00 1.18 -25.64
CA GLN C 74 19.24 0.58 -26.20
C GLN C 74 20.31 0.49 -25.10
N GLN C 75 20.49 1.56 -24.32
CA GLN C 75 21.48 1.65 -23.22
C GLN C 75 21.17 0.61 -22.16
N LEU C 76 19.88 0.37 -21.88
CA LEU C 76 19.42 -0.59 -20.84
C LEU C 76 19.58 -2.03 -21.33
N LEU C 77 19.09 -2.35 -22.53
CA LEU C 77 18.87 -3.75 -22.99
C LEU C 77 19.98 -4.19 -23.98
N GLY C 78 20.59 -3.25 -24.71
CA GLY C 78 21.58 -3.56 -25.75
C GLY C 78 20.98 -4.44 -26.85
N ASP C 79 21.74 -5.37 -27.41
CA ASP C 79 21.28 -6.24 -28.53
C ASP C 79 20.59 -7.50 -27.98
N GLY C 80 20.61 -7.68 -26.65
CA GLY C 80 19.85 -8.74 -25.94
C GLY C 80 20.53 -10.10 -25.98
N SER C 81 21.74 -10.19 -26.55
CA SER C 81 22.47 -11.48 -26.73
C SER C 81 22.82 -12.08 -25.37
N ASN C 82 22.96 -11.25 -24.33
CA ASN C 82 23.17 -11.68 -22.92
C ASN C 82 22.02 -12.57 -22.43
N TRP C 83 20.81 -12.40 -23.00
CA TRP C 83 19.59 -13.13 -22.59
C TRP C 83 19.15 -14.08 -23.70
N GLY C 84 20.01 -14.33 -24.70
CA GLY C 84 19.71 -15.21 -25.85
C GLY C 84 18.66 -14.60 -26.75
N LEU C 85 18.53 -13.27 -26.70
CA LEU C 85 17.58 -12.48 -27.52
C LEU C 85 18.32 -11.82 -28.68
N ASP C 86 17.54 -11.41 -29.67
CA ASP C 86 17.96 -10.55 -30.80
C ASP C 86 17.07 -9.31 -30.75
N LEU C 87 17.53 -8.25 -30.07
CA LEU C 87 16.77 -6.99 -29.89
C LEU C 87 17.20 -6.00 -30.96
N GLN C 88 16.23 -5.36 -31.61
CA GLN C 88 16.43 -4.27 -32.59
C GLN C 88 15.59 -3.09 -32.11
N TYR C 89 15.87 -1.92 -32.65
CA TYR C 89 15.28 -0.63 -32.22
C TYR C 89 14.88 0.15 -33.47
N ALA C 90 13.72 0.82 -33.38
CA ALA C 90 13.20 1.72 -34.42
C ALA C 90 12.51 2.88 -33.70
N VAL C 91 12.40 4.02 -34.37
CA VAL C 91 11.83 5.27 -33.80
C VAL C 91 10.43 5.48 -34.40
N GLN C 92 9.49 5.91 -33.58
CA GLN C 92 8.23 6.56 -34.02
C GLN C 92 8.43 8.07 -33.98
N PRO C 93 8.69 8.74 -35.13
CA PRO C 93 8.96 10.18 -35.14
C PRO C 93 7.89 11.01 -34.42
N SER C 94 6.61 10.68 -34.65
CA SER C 94 5.44 11.38 -34.06
C SER C 94 4.38 10.36 -33.65
N PRO C 95 3.65 10.61 -32.54
CA PRO C 95 2.68 9.64 -32.03
C PRO C 95 1.37 9.68 -32.84
N ASP C 96 1.40 9.10 -34.05
CA ASP C 96 0.29 9.13 -35.03
C ASP C 96 -0.58 7.88 -34.92
N GLY C 97 -0.46 7.12 -33.82
CA GLY C 97 -1.28 5.93 -33.54
C GLY C 97 -0.45 4.67 -33.46
N LEU C 98 -0.92 3.69 -32.68
CA LEU C 98 -0.15 2.48 -32.30
C LEU C 98 -0.04 1.51 -33.48
N ALA C 99 -0.99 1.52 -34.42
CA ALA C 99 -0.98 0.66 -35.64
C ALA C 99 0.19 1.03 -36.56
N GLN C 100 0.78 2.20 -36.37
CA GLN C 100 1.99 2.67 -37.12
C GLN C 100 3.18 1.74 -36.83
N ALA C 101 3.16 0.99 -35.72
CA ALA C 101 4.16 -0.04 -35.36
C ALA C 101 4.40 -1.02 -36.53
N PHE C 102 3.35 -1.34 -37.29
CA PHE C 102 3.37 -2.35 -38.38
C PHE C 102 3.99 -1.78 -39.65
N LEU C 103 3.90 -0.45 -39.84
CA LEU C 103 4.57 0.26 -40.97
C LEU C 103 6.06 0.42 -40.62
N ILE C 104 6.35 1.01 -39.45
CA ILE C 104 7.72 1.17 -38.90
C ILE C 104 8.40 -0.20 -38.87
N GLY C 105 7.66 -1.25 -38.46
CA GLY C 105 8.22 -2.60 -38.24
C GLY C 105 8.09 -3.51 -39.44
N GLU C 106 7.69 -2.98 -40.61
CA GLU C 106 7.35 -3.79 -41.80
C GLU C 106 8.53 -4.69 -42.21
N SER C 107 9.73 -4.12 -42.42
CA SER C 107 10.91 -4.88 -42.89
C SER C 107 11.38 -5.84 -41.79
N PHE C 108 11.27 -5.45 -40.52
CA PHE C 108 11.60 -6.32 -39.36
C PHE C 108 10.72 -7.57 -39.37
N ILE C 109 9.40 -7.40 -39.57
CA ILE C 109 8.41 -8.51 -39.57
C ILE C 109 8.69 -9.43 -40.77
N GLY C 110 8.98 -8.85 -41.93
CA GLY C 110 9.23 -9.59 -43.18
C GLY C 110 8.03 -10.49 -43.48
N ASN C 111 8.26 -11.80 -43.57
CA ASN C 111 7.22 -12.80 -43.96
C ASN C 111 6.77 -13.61 -42.75
N ASP C 112 7.10 -13.16 -41.54
CA ASP C 112 6.86 -13.93 -40.30
C ASP C 112 5.53 -13.54 -39.68
N LEU C 113 5.01 -14.42 -38.81
CA LEU C 113 3.96 -14.12 -37.83
C LEU C 113 4.54 -13.15 -36.81
N SER C 114 3.70 -12.37 -36.12
CA SER C 114 4.15 -11.33 -35.17
C SER C 114 3.27 -11.33 -33.92
N ALA C 115 3.77 -10.69 -32.86
CA ALA C 115 3.04 -10.34 -31.63
C ALA C 115 3.38 -8.89 -31.27
N LEU C 116 2.37 -8.11 -30.89
CA LEU C 116 2.52 -6.71 -30.46
C LEU C 116 2.13 -6.63 -28.97
N VAL C 117 2.99 -6.02 -28.15
CA VAL C 117 2.67 -5.69 -26.74
C VAL C 117 2.79 -4.16 -26.59
N LEU C 118 1.63 -3.55 -26.32
CA LEU C 118 1.22 -2.11 -26.44
C LEU C 118 0.84 -1.62 -25.03
N GLY C 119 0.98 -0.31 -24.79
CA GLY C 119 0.61 0.35 -23.53
C GLY C 119 1.60 -0.05 -22.43
N ASP C 120 1.26 0.26 -21.19
CA ASP C 120 2.12 0.09 -19.99
C ASP C 120 1.54 -1.09 -19.19
N ASN C 121 1.65 -2.29 -19.74
CA ASN C 121 0.77 -3.45 -19.40
C ASN C 121 1.57 -4.45 -18.57
N LEU C 122 0.97 -4.93 -17.48
CA LEU C 122 1.49 -6.00 -16.60
C LEU C 122 0.49 -7.16 -16.61
N TYR C 123 0.94 -8.39 -16.81
CA TYR C 123 0.12 -9.63 -16.75
C TYR C 123 0.67 -10.56 -15.67
N TYR C 124 -0.22 -11.29 -14.98
CA TYR C 124 0.13 -12.33 -14.00
C TYR C 124 -0.98 -13.40 -13.94
N GLY C 125 -0.61 -14.68 -13.91
CA GLY C 125 -1.57 -15.74 -13.54
C GLY C 125 -1.13 -17.14 -13.94
N HIS C 126 -1.86 -18.13 -13.45
CA HIS C 126 -1.59 -19.58 -13.67
C HIS C 126 -2.16 -19.99 -15.02
N ASP C 127 -1.34 -20.67 -15.83
CA ASP C 127 -1.61 -21.10 -17.22
C ASP C 127 -1.24 -19.97 -18.20
N PHE C 128 -0.57 -18.90 -17.78
CA PHE C 128 -0.28 -17.74 -18.70
C PHE C 128 0.62 -18.24 -19.85
N HIS C 129 1.60 -19.09 -19.54
CA HIS C 129 2.48 -19.77 -20.52
C HIS C 129 1.59 -20.54 -21.52
N GLU C 130 0.61 -21.29 -21.02
CA GLU C 130 -0.30 -22.13 -21.85
C GLU C 130 -1.20 -21.20 -22.68
N LEU C 131 -1.71 -20.12 -22.08
CA LEU C 131 -2.61 -19.14 -22.76
C LEU C 131 -1.87 -18.46 -23.92
N LEU C 132 -0.61 -18.07 -23.73
CA LEU C 132 0.22 -17.45 -24.80
C LEU C 132 0.56 -18.51 -25.84
N GLY C 133 0.99 -19.70 -25.40
CA GLY C 133 1.34 -20.85 -26.26
C GLY C 133 0.25 -21.14 -27.29
N SER C 134 -1.01 -21.22 -26.87
CA SER C 134 -2.16 -21.59 -27.72
C SER C 134 -2.40 -20.50 -28.77
N ALA C 135 -2.45 -19.22 -28.36
CA ALA C 135 -2.58 -18.05 -29.26
C ALA C 135 -1.43 -18.06 -30.28
N SER C 136 -0.21 -18.33 -29.82
CA SER C 136 1.05 -18.30 -30.63
C SER C 136 1.03 -19.40 -31.71
N GLN C 137 0.40 -20.55 -31.43
CA GLN C 137 0.43 -21.76 -32.30
C GLN C 137 -0.56 -21.62 -33.46
N ARG C 138 -1.51 -20.67 -33.42
CA ARG C 138 -2.41 -20.35 -34.55
C ARG C 138 -1.58 -19.75 -35.69
N GLN C 139 -1.54 -20.44 -36.84
CA GLN C 139 -0.70 -20.10 -38.02
C GLN C 139 -1.38 -19.04 -38.90
N THR C 140 -2.68 -18.80 -38.71
CA THR C 140 -3.47 -17.83 -39.53
C THR C 140 -4.37 -16.99 -38.62
N GLY C 141 -4.80 -15.83 -39.11
CA GLY C 141 -5.70 -14.89 -38.41
C GLY C 141 -4.97 -14.18 -37.29
N ALA C 142 -5.74 -13.55 -36.41
CA ALA C 142 -5.25 -12.74 -35.27
C ALA C 142 -5.90 -13.25 -33.98
N SER C 143 -5.18 -13.14 -32.86
CA SER C 143 -5.66 -13.48 -31.50
C SER C 143 -5.50 -12.27 -30.59
N VAL C 144 -6.56 -11.90 -29.89
CA VAL C 144 -6.54 -10.86 -28.81
C VAL C 144 -7.17 -11.47 -27.56
N PHE C 145 -7.06 -10.77 -26.43
CA PHE C 145 -7.60 -11.20 -25.12
C PHE C 145 -8.56 -10.14 -24.61
N ALA C 146 -9.71 -10.59 -24.11
CA ALA C 146 -10.77 -9.78 -23.51
C ALA C 146 -10.77 -10.01 -22.00
N TYR C 147 -10.79 -8.92 -21.23
CA TYR C 147 -10.66 -8.94 -19.75
C TYR C 147 -11.72 -8.01 -19.17
N HIS C 148 -12.48 -8.51 -18.19
CA HIS C 148 -13.54 -7.74 -17.48
C HIS C 148 -12.87 -6.65 -16.64
N VAL C 149 -13.20 -5.38 -16.91
CA VAL C 149 -12.66 -4.20 -16.19
C VAL C 149 -13.82 -3.34 -15.69
N LEU C 150 -13.53 -2.49 -14.71
CA LEU C 150 -14.50 -1.51 -14.14
C LEU C 150 -14.75 -0.40 -15.16
N ASP C 151 -13.72 0.02 -15.91
CA ASP C 151 -13.78 1.22 -16.78
C ASP C 151 -13.45 0.83 -18.22
N PRO C 152 -14.34 0.08 -18.91
CA PRO C 152 -14.06 -0.37 -20.27
C PRO C 152 -13.91 0.78 -21.29
N GLU C 153 -14.56 1.91 -21.02
CA GLU C 153 -14.58 3.11 -21.92
C GLU C 153 -13.16 3.63 -22.15
N ARG C 154 -12.17 3.22 -21.34
CA ARG C 154 -10.75 3.63 -21.50
C ARG C 154 -10.02 2.77 -22.54
N TYR C 155 -10.66 1.71 -23.07
CA TYR C 155 -9.99 0.69 -23.91
C TYR C 155 -10.78 0.40 -25.18
N GLY C 156 -10.22 -0.46 -26.03
CA GLY C 156 -10.99 -1.21 -27.04
C GLY C 156 -11.97 -2.13 -26.33
N VAL C 157 -13.24 -2.11 -26.73
CA VAL C 157 -14.33 -2.86 -26.04
C VAL C 157 -14.91 -3.87 -27.03
N VAL C 158 -15.06 -5.12 -26.58
CA VAL C 158 -15.62 -6.24 -27.38
C VAL C 158 -17.10 -6.38 -27.03
N GLU C 159 -17.96 -6.45 -28.05
CA GLU C 159 -19.39 -6.85 -27.92
C GLU C 159 -19.51 -8.33 -28.29
N PHE C 160 -20.24 -9.09 -27.48
CA PHE C 160 -20.52 -10.53 -27.68
C PHE C 160 -22.01 -10.72 -27.97
N ASP C 161 -22.36 -11.72 -28.78
CA ASP C 161 -23.77 -12.17 -28.98
C ASP C 161 -24.14 -13.10 -27.81
N GLN C 162 -25.38 -13.56 -27.76
CA GLN C 162 -25.90 -14.44 -26.68
C GLN C 162 -25.04 -15.70 -26.56
N GLY C 163 -24.46 -16.18 -27.68
CA GLY C 163 -23.63 -17.39 -27.75
C GLY C 163 -22.17 -17.13 -27.37
N GLY C 164 -21.81 -15.88 -27.06
CA GLY C 164 -20.46 -15.50 -26.59
C GLY C 164 -19.47 -15.33 -27.73
N LYS C 165 -19.95 -15.17 -28.96
CA LYS C 165 -19.10 -14.86 -30.14
C LYS C 165 -18.92 -13.34 -30.22
N ALA C 166 -17.69 -12.87 -30.42
CA ALA C 166 -17.35 -11.44 -30.63
C ALA C 166 -18.00 -10.97 -31.94
N ILE C 167 -18.76 -9.86 -31.90
CA ILE C 167 -19.52 -9.36 -33.08
C ILE C 167 -19.18 -7.88 -33.37
N SER C 168 -18.59 -7.14 -32.43
CA SER C 168 -18.16 -5.74 -32.68
C SER C 168 -16.98 -5.35 -31.78
N LEU C 169 -16.14 -4.42 -32.26
CA LEU C 169 -15.09 -3.72 -31.48
C LEU C 169 -15.34 -2.21 -31.59
N GLU C 170 -15.22 -1.48 -30.49
CA GLU C 170 -15.25 0.01 -30.46
C GLU C 170 -14.08 0.52 -29.61
N GLU C 171 -13.34 1.50 -30.12
CA GLU C 171 -12.24 2.19 -29.41
C GLU C 171 -12.84 3.27 -28.48
N LYS C 172 -12.67 3.11 -27.16
CA LYS C 172 -13.05 4.10 -26.12
C LYS C 172 -14.48 4.59 -26.34
N PRO C 173 -15.50 3.70 -26.38
CA PRO C 173 -16.88 4.12 -26.55
C PRO C 173 -17.42 4.88 -25.32
N LEU C 174 -18.23 5.91 -25.55
CA LEU C 174 -18.95 6.66 -24.48
C LEU C 174 -19.96 5.72 -23.82
N GLU C 175 -20.54 4.78 -24.59
CA GLU C 175 -21.53 3.79 -24.12
C GLU C 175 -21.02 2.38 -24.43
N PRO C 176 -20.12 1.81 -23.58
CA PRO C 176 -19.56 0.49 -23.82
C PRO C 176 -20.64 -0.59 -23.94
N LYS C 177 -20.48 -1.50 -24.90
CA LYS C 177 -21.46 -2.59 -25.16
C LYS C 177 -21.18 -3.78 -24.22
N SER C 178 -20.06 -3.75 -23.50
CA SER C 178 -19.71 -4.75 -22.45
C SER C 178 -18.66 -4.16 -21.50
N ASN C 179 -18.23 -4.95 -20.51
CA ASN C 179 -17.17 -4.59 -19.55
C ASN C 179 -15.87 -5.30 -19.94
N TYR C 180 -15.83 -5.87 -21.15
CA TYR C 180 -14.67 -6.64 -21.68
C TYR C 180 -13.81 -5.73 -22.55
N ALA C 181 -12.66 -5.35 -22.00
CA ALA C 181 -11.60 -4.56 -22.67
C ALA C 181 -10.64 -5.51 -23.38
N VAL C 182 -10.15 -5.12 -24.56
CA VAL C 182 -9.06 -5.83 -25.27
C VAL C 182 -7.76 -5.43 -24.59
N THR C 183 -6.95 -6.40 -24.15
CA THR C 183 -5.67 -6.17 -23.44
C THR C 183 -4.64 -5.70 -24.47
N GLY C 184 -3.48 -5.21 -24.00
CA GLY C 184 -2.41 -4.70 -24.87
C GLY C 184 -1.46 -5.80 -25.33
N LEU C 185 -2.01 -6.96 -25.71
CA LEU C 185 -1.25 -8.12 -26.22
C LEU C 185 -1.99 -8.69 -27.43
N TYR C 186 -1.34 -8.67 -28.60
CA TYR C 186 -1.97 -8.96 -29.91
C TYR C 186 -1.08 -9.93 -30.69
N PHE C 187 -1.66 -11.00 -31.23
CA PHE C 187 -1.00 -12.00 -32.11
C PHE C 187 -1.55 -11.84 -33.53
N TYR C 188 -0.65 -11.75 -34.52
CA TYR C 188 -0.99 -11.45 -35.93
C TYR C 188 -0.29 -12.43 -36.88
N ASP C 189 -0.99 -12.75 -37.98
CA ASP C 189 -0.43 -13.45 -39.16
C ASP C 189 0.20 -12.41 -40.09
N GLN C 190 0.54 -12.80 -41.32
CA GLN C 190 1.35 -11.99 -42.27
C GLN C 190 0.47 -10.90 -42.92
N GLN C 191 -0.83 -10.84 -42.60
CA GLN C 191 -1.77 -9.86 -43.22
C GLN C 191 -1.64 -8.49 -42.54
N VAL C 192 -1.08 -8.39 -41.34
CA VAL C 192 -1.22 -7.17 -40.48
C VAL C 192 -0.54 -5.97 -41.16
N VAL C 193 0.63 -6.15 -41.75
CA VAL C 193 1.36 -5.04 -42.46
C VAL C 193 0.47 -4.48 -43.57
N ASP C 194 -0.14 -5.34 -44.39
CA ASP C 194 -1.01 -4.96 -45.54
C ASP C 194 -2.27 -4.26 -45.01
N ILE C 195 -2.88 -4.77 -43.92
CA ILE C 195 -4.07 -4.15 -43.28
C ILE C 195 -3.68 -2.76 -42.77
N ALA C 196 -2.52 -2.63 -42.11
CA ALA C 196 -2.03 -1.35 -41.56
C ALA C 196 -1.84 -0.34 -42.69
N ARG C 197 -1.28 -0.77 -43.82
CA ARG C 197 -1.00 0.11 -44.99
C ARG C 197 -2.31 0.73 -45.52
N ASP C 198 -3.43 0.01 -45.47
CA ASP C 198 -4.74 0.45 -46.04
C ASP C 198 -5.54 1.26 -45.00
N LEU C 199 -5.11 1.30 -43.74
CA LEU C 199 -5.81 2.07 -42.66
C LEU C 199 -5.79 3.56 -43.00
N LYS C 200 -6.91 4.25 -42.78
CA LYS C 200 -7.01 5.73 -42.77
C LYS C 200 -7.11 6.22 -41.32
N PRO C 201 -6.59 7.43 -40.99
CA PRO C 201 -6.77 8.00 -39.66
C PRO C 201 -8.22 7.97 -39.18
N SER C 202 -8.40 7.79 -37.86
CA SER C 202 -9.71 7.76 -37.15
C SER C 202 -10.18 9.18 -36.90
N PRO C 203 -11.44 9.42 -36.46
CA PRO C 203 -11.88 10.76 -36.06
C PRO C 203 -10.86 11.52 -35.19
N ARG C 204 -10.15 10.81 -34.30
CA ARG C 204 -9.11 11.37 -33.39
C ARG C 204 -7.79 11.60 -34.15
N GLY C 205 -7.73 11.28 -35.45
CA GLY C 205 -6.58 11.56 -36.34
C GLY C 205 -5.41 10.62 -36.09
N GLU C 206 -5.68 9.35 -35.77
CA GLU C 206 -4.65 8.33 -35.43
C GLU C 206 -4.90 7.05 -36.24
N LEU C 207 -3.84 6.29 -36.53
CA LEU C 207 -3.93 4.89 -37.03
C LEU C 207 -4.12 3.96 -35.84
N GLU C 208 -5.35 3.45 -35.64
CA GLU C 208 -5.81 2.81 -34.38
C GLU C 208 -5.72 1.29 -34.51
N ILE C 209 -5.21 0.62 -33.48
CA ILE C 209 -5.09 -0.88 -33.43
C ILE C 209 -6.49 -1.51 -33.52
N THR C 210 -7.52 -0.85 -32.99
CA THR C 210 -8.92 -1.35 -33.02
C THR C 210 -9.37 -1.52 -34.48
N ASP C 211 -8.94 -0.61 -35.38
CA ASP C 211 -9.25 -0.69 -36.83
C ASP C 211 -8.54 -1.91 -37.43
N VAL C 212 -7.30 -2.20 -37.02
CA VAL C 212 -6.56 -3.43 -37.45
C VAL C 212 -7.37 -4.66 -37.01
N ASN C 213 -7.80 -4.68 -35.75
CA ASN C 213 -8.49 -5.86 -35.15
C ASN C 213 -9.85 -6.03 -35.83
N ARG C 214 -10.56 -4.94 -36.15
CA ARG C 214 -11.88 -4.98 -36.82
C ARG C 214 -11.72 -5.54 -38.24
N ALA C 215 -10.62 -5.23 -38.93
CA ALA C 215 -10.32 -5.75 -40.29
C ALA C 215 -10.25 -7.28 -40.24
N TYR C 216 -9.57 -7.84 -39.24
CA TYR C 216 -9.50 -9.31 -39.00
C TYR C 216 -10.90 -9.85 -38.67
N LEU C 217 -11.67 -9.12 -37.87
CA LEU C 217 -13.03 -9.56 -37.45
C LEU C 217 -13.93 -9.68 -38.70
N GLU C 218 -13.86 -8.69 -39.59
CA GLU C 218 -14.73 -8.59 -40.81
C GLU C 218 -14.39 -9.72 -41.77
N ARG C 219 -13.15 -10.21 -41.79
CA ARG C 219 -12.75 -11.35 -42.67
C ARG C 219 -12.91 -12.68 -41.92
N GLY C 220 -13.55 -12.65 -40.74
CA GLY C 220 -13.82 -13.84 -39.91
C GLY C 220 -12.55 -14.48 -39.37
N GLN C 221 -11.50 -13.69 -39.12
CA GLN C 221 -10.17 -14.23 -38.71
C GLN C 221 -9.69 -13.58 -37.39
N LEU C 222 -10.60 -13.10 -36.54
CA LEU C 222 -10.23 -12.62 -35.17
C LEU C 222 -10.69 -13.63 -34.11
N SER C 223 -9.74 -14.23 -33.40
CA SER C 223 -9.99 -15.07 -32.21
C SER C 223 -9.90 -14.18 -30.96
N VAL C 224 -11.02 -13.97 -30.27
CA VAL C 224 -11.08 -13.23 -28.98
C VAL C 224 -11.16 -14.26 -27.85
N GLU C 225 -10.06 -14.48 -27.15
CA GLU C 225 -9.96 -15.39 -25.98
C GLU C 225 -10.28 -14.61 -24.71
N ILE C 226 -11.14 -15.15 -23.84
CA ILE C 226 -11.41 -14.54 -22.51
C ILE C 226 -10.18 -14.76 -21.63
N MET C 227 -9.62 -13.69 -21.09
CA MET C 227 -8.65 -13.75 -19.97
C MET C 227 -9.46 -13.64 -18.69
N GLY C 228 -9.60 -14.75 -17.97
CA GLY C 228 -10.46 -14.91 -16.79
C GLY C 228 -10.06 -13.99 -15.64
N ARG C 229 -10.97 -13.78 -14.69
CA ARG C 229 -10.80 -12.91 -13.50
C ARG C 229 -9.68 -13.44 -12.59
N GLY C 230 -9.30 -14.71 -12.75
CA GLY C 230 -8.18 -15.34 -12.00
C GLY C 230 -6.81 -14.88 -12.47
N TYR C 231 -6.74 -14.17 -13.60
CA TYR C 231 -5.53 -13.46 -14.09
C TYR C 231 -5.59 -12.01 -13.62
N ALA C 232 -4.43 -11.43 -13.28
CA ALA C 232 -4.26 -9.98 -13.06
C ALA C 232 -3.73 -9.35 -14.36
N TRP C 233 -4.51 -8.47 -14.96
CA TRP C 233 -4.07 -7.52 -16.01
C TRP C 233 -4.13 -6.12 -15.39
N LEU C 234 -2.96 -5.53 -15.15
CA LEU C 234 -2.83 -4.22 -14.48
C LEU C 234 -2.28 -3.20 -15.47
N ASP C 235 -2.83 -1.99 -15.42
CA ASP C 235 -2.31 -0.78 -16.09
C ASP C 235 -1.25 -0.15 -15.18
N THR C 236 -0.16 0.35 -15.74
CA THR C 236 0.95 0.99 -14.98
C THR C 236 1.18 2.41 -15.53
N GLY C 237 0.16 3.00 -16.16
CA GLY C 237 0.30 4.23 -16.99
C GLY C 237 -0.03 5.52 -16.25
N THR C 238 -0.52 5.46 -15.00
CA THR C 238 -0.76 6.65 -14.13
C THR C 238 0.09 6.53 -12.86
N HIS C 239 0.26 7.62 -12.12
CA HIS C 239 0.99 7.67 -10.83
C HIS C 239 0.35 6.64 -9.87
N ASP C 240 -0.99 6.63 -9.79
CA ASP C 240 -1.75 5.75 -8.86
C ASP C 240 -1.57 4.29 -9.29
N SER C 241 -1.75 3.99 -10.57
CA SER C 241 -1.76 2.61 -11.10
C SER C 241 -0.34 2.01 -11.00
N LEU C 242 0.71 2.81 -11.23
CA LEU C 242 2.13 2.38 -11.12
C LEU C 242 2.42 1.98 -9.66
N LEU C 243 1.97 2.79 -8.70
CA LEU C 243 2.13 2.53 -7.25
C LEU C 243 1.43 1.22 -6.88
N GLU C 244 0.18 1.02 -7.32
CA GLU C 244 -0.64 -0.19 -7.03
C GLU C 244 0.05 -1.43 -7.63
N ALA C 245 0.58 -1.33 -8.85
CA ALA C 245 1.30 -2.43 -9.54
C ALA C 245 2.55 -2.79 -8.75
N GLY C 246 3.29 -1.78 -8.27
CA GLY C 246 4.48 -1.95 -7.41
C GLY C 246 4.16 -2.78 -6.17
N GLN C 247 3.08 -2.42 -5.47
CA GLN C 247 2.64 -3.08 -4.20
C GLN C 247 2.19 -4.52 -4.51
N PHE C 248 1.54 -4.73 -5.66
CA PHE C 248 1.01 -6.03 -6.12
C PHE C 248 2.19 -7.00 -6.33
N ILE C 249 3.19 -6.57 -7.12
CA ILE C 249 4.40 -7.37 -7.42
C ILE C 249 5.19 -7.62 -6.14
N ALA C 250 5.37 -6.60 -5.29
CA ALA C 250 6.11 -6.70 -4.00
C ALA C 250 5.45 -7.78 -3.12
N THR C 251 4.12 -7.77 -3.02
CA THR C 251 3.34 -8.74 -2.21
C THR C 251 3.57 -10.16 -2.72
N LEU C 252 3.48 -10.39 -4.03
CA LEU C 252 3.66 -11.74 -4.64
C LEU C 252 5.10 -12.20 -4.40
N GLU C 253 6.09 -11.38 -4.74
CA GLU C 253 7.52 -11.77 -4.71
C GLU C 253 7.98 -12.03 -3.27
N ASN C 254 7.57 -11.18 -2.32
CA ASN C 254 8.00 -11.30 -0.90
C ASN C 254 7.29 -12.51 -0.25
N ARG C 255 6.08 -12.86 -0.70
CA ARG C 255 5.35 -14.07 -0.24
C ARG C 255 6.07 -15.33 -0.76
N GLN C 256 6.42 -15.34 -2.05
CA GLN C 256 6.79 -16.58 -2.78
C GLN C 256 8.30 -16.84 -2.71
N GLY C 257 9.11 -15.80 -2.55
CA GLY C 257 10.56 -15.91 -2.82
C GLY C 257 10.82 -16.19 -4.29
N LEU C 258 9.87 -15.84 -5.16
CA LEU C 258 9.98 -15.95 -6.64
C LEU C 258 9.67 -14.58 -7.26
N LYS C 259 10.31 -14.27 -8.38
CA LYS C 259 10.16 -12.97 -9.07
C LYS C 259 9.16 -13.11 -10.21
N VAL C 260 8.40 -12.05 -10.46
CA VAL C 260 7.51 -11.92 -11.65
C VAL C 260 8.31 -11.19 -12.73
N ALA C 261 8.39 -11.77 -13.93
CA ALA C 261 8.90 -11.13 -15.17
C ALA C 261 10.38 -10.77 -15.00
N CYS C 262 11.18 -11.72 -14.49
CA CYS C 262 12.65 -11.67 -14.49
C CYS C 262 13.15 -12.26 -15.81
N PRO C 263 13.60 -11.44 -16.78
CA PRO C 263 13.94 -11.93 -18.12
C PRO C 263 15.04 -13.01 -18.12
N GLU C 264 16.03 -12.88 -17.24
CA GLU C 264 17.16 -13.85 -17.12
C GLU C 264 16.59 -15.22 -16.79
N GLU C 265 15.61 -15.28 -15.88
CA GLU C 265 14.96 -16.55 -15.46
C GLU C 265 14.25 -17.18 -16.67
N ILE C 266 13.48 -16.38 -17.40
CA ILE C 266 12.66 -16.90 -18.53
C ILE C 266 13.60 -17.41 -19.63
N ALA C 267 14.67 -16.68 -19.93
CA ALA C 267 15.70 -17.10 -20.91
C ALA C 267 16.29 -18.45 -20.49
N TYR C 268 16.66 -18.58 -19.20
CA TYR C 268 17.27 -19.81 -18.63
C TYR C 268 16.29 -20.98 -18.75
N ARG C 269 15.03 -20.78 -18.35
CA ARG C 269 14.00 -21.86 -18.36
C ARG C 269 13.62 -22.21 -19.80
N GLN C 270 13.74 -21.27 -20.75
CA GLN C 270 13.51 -21.53 -22.20
C GLN C 270 14.74 -22.21 -22.82
N LYS C 271 15.87 -22.27 -22.10
CA LYS C 271 17.17 -22.88 -22.52
C LYS C 271 17.81 -22.02 -23.61
N TRP C 272 17.53 -20.73 -23.61
CA TRP C 272 18.13 -19.74 -24.55
C TRP C 272 19.50 -19.34 -24.04
N ILE C 273 19.73 -19.44 -22.73
CA ILE C 273 21.09 -19.29 -22.10
C ILE C 273 21.35 -20.51 -21.22
N ASP C 274 22.63 -20.85 -21.03
CA ASP C 274 23.07 -22.03 -20.23
C ASP C 274 23.56 -21.54 -18.87
N ALA C 275 23.95 -22.47 -18.00
CA ALA C 275 24.34 -22.21 -16.59
C ALA C 275 25.52 -21.22 -16.57
N ALA C 276 26.49 -21.37 -17.48
CA ALA C 276 27.71 -20.52 -17.56
C ALA C 276 27.32 -19.07 -17.86
N GLN C 277 26.41 -18.87 -18.83
CA GLN C 277 25.90 -17.51 -19.19
C GLN C 277 25.15 -16.91 -17.99
N LEU C 278 24.29 -17.69 -17.32
CA LEU C 278 23.50 -17.22 -16.16
C LEU C 278 24.45 -16.82 -15.02
N GLU C 279 25.50 -17.61 -14.77
CA GLU C 279 26.52 -17.35 -13.72
C GLU C 279 27.18 -15.99 -13.98
N LYS C 280 27.56 -15.71 -15.23
CA LYS C 280 28.21 -14.44 -15.64
C LYS C 280 27.27 -13.26 -15.34
N LEU C 281 25.97 -13.41 -15.59
CA LEU C 281 24.92 -12.37 -15.37
C LEU C 281 24.74 -12.14 -13.86
N ALA C 282 24.77 -13.21 -13.06
CA ALA C 282 24.37 -13.20 -11.63
C ALA C 282 25.45 -12.51 -10.78
N ALA C 283 26.72 -12.77 -11.08
CA ALA C 283 27.86 -12.43 -10.19
C ALA C 283 27.88 -10.94 -9.87
N PRO C 284 27.83 -10.01 -10.85
CA PRO C 284 27.90 -8.59 -10.54
C PRO C 284 26.71 -8.07 -9.70
N LEU C 285 25.59 -8.80 -9.69
CA LEU C 285 24.35 -8.43 -8.95
C LEU C 285 24.27 -9.21 -7.62
N ALA C 286 25.30 -9.99 -7.27
CA ALA C 286 25.23 -11.03 -6.21
C ALA C 286 25.06 -10.39 -4.82
N LYS C 287 25.43 -9.13 -4.62
CA LYS C 287 25.31 -8.49 -3.28
C LYS C 287 23.87 -8.01 -3.02
N ASN C 288 22.95 -8.19 -3.98
CA ASN C 288 21.52 -7.79 -3.84
C ASN C 288 20.61 -8.99 -4.14
N GLY C 289 19.33 -8.86 -3.79
CA GLY C 289 18.28 -9.90 -3.88
C GLY C 289 18.13 -10.47 -5.28
N TYR C 290 18.41 -9.68 -6.33
CA TYR C 290 18.23 -10.05 -7.76
C TYR C 290 19.31 -11.06 -8.17
N GLY C 291 20.58 -10.77 -7.94
CA GLY C 291 21.70 -11.69 -8.26
C GLY C 291 21.65 -12.96 -7.44
N GLN C 292 21.28 -12.87 -6.16
CA GLN C 292 21.08 -14.05 -5.26
C GLN C 292 19.98 -14.94 -5.86
N TYR C 293 18.90 -14.33 -6.34
CA TYR C 293 17.78 -15.04 -7.00
C TYR C 293 18.27 -15.78 -8.25
N LEU C 294 19.07 -15.13 -9.10
CA LEU C 294 19.57 -15.75 -10.35
C LEU C 294 20.46 -16.95 -10.00
N LYS C 295 21.27 -16.87 -8.95
CA LYS C 295 22.14 -17.97 -8.48
C LYS C 295 21.29 -19.15 -8.01
N ARG C 296 20.19 -18.88 -7.29
CA ARG C 296 19.29 -19.94 -6.76
C ARG C 296 18.68 -20.73 -7.92
N LEU C 297 18.40 -20.09 -9.07
CA LEU C 297 17.87 -20.78 -10.30
C LEU C 297 18.80 -21.93 -10.73
N LEU C 298 20.12 -21.80 -10.50
CA LEU C 298 21.11 -22.82 -10.91
C LEU C 298 20.91 -24.13 -10.11
N THR C 299 20.46 -24.06 -8.85
CA THR C 299 20.48 -25.24 -7.93
C THR C 299 19.08 -25.74 -7.62
N GLU C 300 18.02 -24.93 -7.74
CA GLU C 300 16.68 -25.20 -7.15
C GLU C 300 15.69 -25.67 -8.21
N THR C 301 14.93 -26.72 -7.90
CA THR C 301 13.79 -27.21 -8.71
C THR C 301 12.55 -26.40 -8.31
N VAL C 302 12.00 -25.61 -9.22
CA VAL C 302 10.72 -24.87 -9.07
C VAL C 302 9.76 -25.47 -10.10
N TYR C 303 8.63 -26.03 -9.64
CA TYR C 303 7.59 -26.66 -10.50
C TYR C 303 6.65 -25.58 -11.05
N LYS D 12 25.06 34.98 3.36
CA LYS D 12 24.47 34.09 2.31
C LYS D 12 24.77 32.64 2.67
N ARG D 13 23.78 31.76 2.46
CA ARG D 13 23.92 30.29 2.68
C ARG D 13 23.69 29.57 1.34
N LYS D 14 24.68 28.79 0.93
CA LYS D 14 24.63 27.97 -0.31
C LYS D 14 24.26 26.53 0.08
N GLY D 15 23.60 25.82 -0.84
CA GLY D 15 23.12 24.45 -0.62
C GLY D 15 23.88 23.45 -1.45
N ILE D 16 24.03 22.23 -0.93
CA ILE D 16 24.58 21.06 -1.67
C ILE D 16 23.59 19.91 -1.51
N ILE D 17 23.19 19.30 -2.62
CA ILE D 17 22.51 17.97 -2.67
C ILE D 17 23.55 16.94 -3.11
N LEU D 18 23.89 16.00 -2.24
CA LEU D 18 24.73 14.83 -2.57
C LEU D 18 23.79 13.68 -2.97
N ALA D 19 23.71 13.41 -4.27
CA ALA D 19 22.96 12.29 -4.88
C ALA D 19 23.98 11.21 -5.23
N GLY D 20 24.51 10.55 -4.21
CA GLY D 20 25.64 9.60 -4.30
C GLY D 20 25.25 8.33 -5.04
N GLY D 21 26.23 7.60 -5.56
CA GLY D 21 26.03 6.30 -6.21
C GLY D 21 25.58 5.26 -5.21
N SER D 22 24.68 4.36 -5.61
CA SER D 22 24.19 3.20 -4.81
C SER D 22 24.84 1.92 -5.32
N GLY D 23 25.85 2.03 -6.19
CA GLY D 23 26.50 0.89 -6.87
C GLY D 23 25.50 0.07 -7.66
N THR D 24 25.51 -1.25 -7.47
CA THR D 24 24.57 -2.22 -8.10
C THR D 24 23.44 -2.57 -7.13
N ARG D 25 23.31 -1.83 -6.02
CA ARG D 25 22.38 -2.14 -4.89
C ARG D 25 20.94 -2.20 -5.40
N LEU D 26 20.51 -1.25 -6.25
CA LEU D 26 19.10 -1.14 -6.74
C LEU D 26 18.97 -1.65 -8.17
N HIS D 27 20.03 -2.22 -8.76
CA HIS D 27 19.99 -2.84 -10.12
C HIS D 27 19.09 -4.07 -10.07
N PRO D 28 18.28 -4.35 -11.13
CA PRO D 28 18.30 -3.61 -12.39
C PRO D 28 17.39 -2.38 -12.53
N ALA D 29 16.59 -2.04 -11.52
CA ALA D 29 15.64 -0.90 -11.55
C ALA D 29 16.39 0.40 -11.90
N THR D 30 17.62 0.55 -11.41
CA THR D 30 18.46 1.77 -11.59
C THR D 30 19.41 1.64 -12.79
N LEU D 31 19.31 0.57 -13.60
CA LEU D 31 20.00 0.52 -14.92
C LEU D 31 19.33 1.52 -15.88
N ALA D 32 18.01 1.67 -15.77
CA ALA D 32 17.17 2.57 -16.59
C ALA D 32 17.36 4.02 -16.17
N ILE D 33 17.15 4.32 -14.89
CA ILE D 33 17.12 5.70 -14.31
C ILE D 33 17.85 5.66 -12.96
N SER D 34 18.72 6.64 -12.70
CA SER D 34 19.45 6.85 -11.40
C SER D 34 18.48 6.88 -10.23
N LYS D 35 18.95 6.45 -9.05
CA LYS D 35 18.15 6.32 -7.80
C LYS D 35 17.37 7.62 -7.55
N GLN D 36 18.04 8.77 -7.57
CA GLN D 36 17.45 10.07 -7.14
C GLN D 36 16.62 10.67 -8.27
N LEU D 37 16.58 10.02 -9.44
CA LEU D 37 15.66 10.38 -10.56
C LEU D 37 14.41 9.50 -10.52
N LEU D 38 14.39 8.42 -9.73
CA LEU D 38 13.18 7.55 -9.56
C LEU D 38 12.07 8.38 -8.93
N PRO D 39 10.80 8.16 -9.35
CA PRO D 39 9.69 8.95 -8.81
C PRO D 39 9.28 8.45 -7.42
N VAL D 40 8.98 9.40 -6.53
CA VAL D 40 8.24 9.16 -5.26
C VAL D 40 6.83 9.65 -5.53
N TYR D 41 5.97 8.70 -5.92
CA TYR D 41 4.57 8.89 -6.38
C TYR D 41 4.54 9.63 -7.72
N ASP D 42 4.67 10.96 -7.70
CA ASP D 42 4.29 11.84 -8.84
C ASP D 42 5.42 12.78 -9.25
N LYS D 43 6.63 12.65 -8.71
CA LYS D 43 7.76 13.57 -9.03
C LYS D 43 9.08 12.90 -8.70
N PRO D 44 10.18 13.29 -9.38
CA PRO D 44 11.48 12.70 -9.10
C PRO D 44 11.89 12.84 -7.63
N MET D 45 12.56 11.83 -7.10
CA MET D 45 13.08 11.78 -5.70
C MET D 45 13.80 13.10 -5.36
N ILE D 46 14.58 13.65 -6.30
CA ILE D 46 15.45 14.83 -6.02
C ILE D 46 14.60 16.09 -5.77
N TYR D 47 13.34 16.13 -6.20
CA TYR D 47 12.42 17.27 -5.94
C TYR D 47 12.26 17.48 -4.42
N TYR D 48 12.39 16.41 -3.63
CA TYR D 48 12.15 16.44 -2.16
C TYR D 48 13.29 17.16 -1.44
N PRO D 49 14.58 16.72 -1.56
CA PRO D 49 15.68 17.47 -0.98
C PRO D 49 15.85 18.88 -1.59
N LEU D 50 15.60 19.05 -2.89
CA LEU D 50 15.64 20.38 -3.55
C LEU D 50 14.62 21.32 -2.88
N SER D 51 13.37 20.86 -2.75
CA SER D 51 12.27 21.60 -2.09
C SER D 51 12.63 21.92 -0.63
N THR D 52 13.35 21.02 0.06
CA THR D 52 13.81 21.20 1.46
C THR D 52 14.75 22.41 1.53
N LEU D 53 15.79 22.45 0.69
CA LEU D 53 16.75 23.58 0.64
C LEU D 53 16.01 24.87 0.28
N MET D 54 15.06 24.81 -0.65
CA MET D 54 14.27 25.98 -1.11
C MET D 54 13.42 26.51 0.04
N LEU D 55 12.86 25.61 0.85
CA LEU D 55 12.01 25.97 2.02
C LEU D 55 12.88 26.69 3.07
N ALA D 56 14.17 26.33 3.17
CA ALA D 56 15.17 26.97 4.05
C ALA D 56 15.59 28.34 3.50
N GLY D 57 15.14 28.70 2.30
CA GLY D 57 15.44 30.00 1.66
C GLY D 57 16.74 29.96 0.86
N ILE D 58 17.23 28.77 0.50
CA ILE D 58 18.49 28.59 -0.27
C ILE D 58 18.14 28.52 -1.76
N ARG D 59 18.75 29.40 -2.57
CA ARG D 59 18.50 29.55 -4.03
C ARG D 59 19.71 29.10 -4.84
N GLU D 60 20.91 29.09 -4.24
CA GLU D 60 22.18 28.72 -4.93
C GLU D 60 22.60 27.33 -4.46
N ILE D 61 22.51 26.34 -5.35
CA ILE D 61 22.57 24.90 -4.99
C ILE D 61 23.52 24.16 -5.93
N LEU D 62 24.48 23.43 -5.36
CA LEU D 62 25.38 22.49 -6.06
C LEU D 62 24.80 21.08 -5.95
N ILE D 63 24.54 20.43 -7.09
CA ILE D 63 24.12 19.01 -7.14
C ILE D 63 25.36 18.16 -7.47
N ILE D 64 25.76 17.32 -6.52
CA ILE D 64 26.92 16.39 -6.62
C ILE D 64 26.36 14.98 -6.85
N SER D 65 26.81 14.31 -7.91
CA SER D 65 26.44 12.90 -8.23
C SER D 65 27.61 12.17 -8.88
N THR D 66 27.37 10.93 -9.32
CA THR D 66 28.36 10.07 -10.01
C THR D 66 28.66 10.66 -11.38
N PRO D 67 29.80 10.29 -12.01
CA PRO D 67 30.11 10.72 -13.38
C PRO D 67 28.96 10.43 -14.35
N GLN D 68 28.30 9.27 -14.19
CA GLN D 68 27.23 8.80 -15.11
C GLN D 68 25.93 9.58 -14.87
N ASP D 69 25.60 9.93 -13.62
CA ASP D 69 24.27 10.48 -13.24
C ASP D 69 24.24 12.01 -13.33
N THR D 70 25.37 12.68 -13.11
CA THR D 70 25.45 14.17 -13.06
C THR D 70 24.86 14.78 -14.33
N PRO D 71 25.20 14.29 -15.54
CA PRO D 71 24.60 14.79 -16.78
C PRO D 71 23.07 14.65 -16.85
N ARG D 72 22.53 13.59 -16.26
CA ARG D 72 21.06 13.29 -16.28
C ARG D 72 20.34 14.29 -15.37
N PHE D 73 20.93 14.67 -14.23
CA PHE D 73 20.39 15.75 -13.34
C PHE D 73 20.40 17.09 -14.10
N GLN D 74 21.51 17.38 -14.79
CA GLN D 74 21.67 18.62 -15.61
C GLN D 74 20.56 18.68 -16.67
N GLN D 75 20.33 17.56 -17.37
CA GLN D 75 19.30 17.44 -18.44
C GLN D 75 17.91 17.71 -17.86
N LEU D 76 17.65 17.24 -16.62
CA LEU D 76 16.32 17.38 -15.95
C LEU D 76 16.12 18.81 -15.45
N LEU D 77 17.10 19.36 -14.71
CA LEU D 77 16.91 20.58 -13.90
C LEU D 77 17.51 21.83 -14.59
N GLY D 78 18.52 21.65 -15.45
CA GLY D 78 19.22 22.77 -16.10
C GLY D 78 19.86 23.70 -15.07
N ASP D 79 19.85 25.01 -15.32
CA ASP D 79 20.51 26.01 -14.45
C ASP D 79 19.54 26.47 -13.35
N GLY D 80 18.26 26.07 -13.41
CA GLY D 80 17.27 26.31 -12.35
C GLY D 80 16.65 27.72 -12.39
N SER D 81 17.00 28.53 -13.40
CA SER D 81 16.57 29.95 -13.50
C SER D 81 15.05 30.04 -13.70
N ASN D 82 14.44 28.99 -14.27
CA ASN D 82 12.97 28.84 -14.41
C ASN D 82 12.27 28.88 -13.05
N TRP D 83 12.96 28.49 -11.97
CA TRP D 83 12.40 28.40 -10.59
C TRP D 83 13.05 29.46 -9.69
N GLY D 84 13.74 30.44 -10.28
CA GLY D 84 14.43 31.51 -9.54
C GLY D 84 15.65 30.96 -8.79
N LEU D 85 16.18 29.82 -9.24
CA LEU D 85 17.34 29.15 -8.62
C LEU D 85 18.60 29.38 -9.47
N ASP D 86 19.76 29.12 -8.86
CA ASP D 86 21.08 29.06 -9.52
C ASP D 86 21.68 27.68 -9.23
N LEU D 87 21.46 26.71 -10.11
CA LEU D 87 21.91 25.31 -9.95
C LEU D 87 23.26 25.12 -10.67
N GLN D 88 24.21 24.49 -9.99
CA GLN D 88 25.52 24.06 -10.54
C GLN D 88 25.69 22.57 -10.26
N TYR D 89 26.65 21.92 -10.92
CA TYR D 89 26.84 20.45 -10.91
C TYR D 89 28.32 20.14 -10.74
N ALA D 90 28.62 19.09 -9.97
CA ALA D 90 29.96 18.55 -9.75
C ALA D 90 29.86 17.03 -9.61
N VAL D 91 30.96 16.32 -9.84
CA VAL D 91 30.98 14.83 -9.84
C VAL D 91 31.70 14.37 -8.57
N GLN D 92 31.20 13.31 -7.94
CA GLN D 92 31.92 12.49 -6.95
C GLN D 92 32.49 11.27 -7.68
N PRO D 93 33.80 11.26 -8.01
CA PRO D 93 34.41 10.16 -8.77
C PRO D 93 34.08 8.77 -8.21
N SER D 94 34.15 8.61 -6.87
CA SER D 94 33.86 7.35 -6.13
C SER D 94 33.16 7.71 -4.81
N PRO D 95 32.25 6.87 -4.29
CA PRO D 95 31.53 7.19 -3.05
C PRO D 95 32.40 6.94 -1.81
N ASP D 96 33.35 7.84 -1.56
CA ASP D 96 34.39 7.74 -0.49
C ASP D 96 33.95 8.55 0.74
N GLY D 97 32.64 8.81 0.91
CA GLY D 97 32.11 9.44 2.14
C GLY D 97 31.43 10.76 1.86
N LEU D 98 30.49 11.13 2.72
CA LEU D 98 29.56 12.29 2.55
C LEU D 98 30.34 13.60 2.78
N ALA D 99 31.36 13.60 3.65
CA ALA D 99 32.17 14.80 3.98
C ALA D 99 32.97 15.27 2.76
N GLN D 100 33.13 14.40 1.75
CA GLN D 100 33.83 14.70 0.49
C GLN D 100 33.07 15.80 -0.27
N ALA D 101 31.78 16.00 0.02
CA ALA D 101 30.94 17.06 -0.61
C ALA D 101 31.58 18.45 -0.39
N PHE D 102 32.25 18.65 0.74
CA PHE D 102 32.83 19.96 1.15
C PHE D 102 34.15 20.21 0.42
N LEU D 103 34.86 19.15 0.02
CA LEU D 103 36.11 19.25 -0.79
C LEU D 103 35.71 19.48 -2.25
N ILE D 104 34.86 18.61 -2.79
CA ILE D 104 34.27 18.76 -4.16
C ILE D 104 33.63 20.14 -4.28
N GLY D 105 32.91 20.59 -3.25
CA GLY D 105 32.13 21.84 -3.26
C GLY D 105 32.89 23.04 -2.73
N GLU D 106 34.21 22.92 -2.51
CA GLU D 106 35.02 23.95 -1.80
C GLU D 106 34.90 25.31 -2.51
N SER D 107 35.18 25.38 -3.81
CA SER D 107 35.19 26.67 -4.55
C SER D 107 33.75 27.20 -4.70
N PHE D 108 32.77 26.30 -4.84
CA PHE D 108 31.32 26.66 -4.87
C PHE D 108 30.92 27.36 -3.57
N ILE D 109 31.31 26.81 -2.42
CA ILE D 109 30.97 27.35 -1.07
C ILE D 109 31.67 28.71 -0.89
N GLY D 110 32.93 28.81 -1.30
CA GLY D 110 33.76 30.01 -1.12
C GLY D 110 33.81 30.40 0.35
N ASN D 111 33.35 31.61 0.67
CA ASN D 111 33.43 32.20 2.04
C ASN D 111 32.04 32.20 2.69
N ASP D 112 31.08 31.48 2.12
CA ASP D 112 29.66 31.53 2.55
C ASP D 112 29.38 30.42 3.57
N LEU D 113 28.26 30.56 4.28
CA LEU D 113 27.62 29.49 5.08
C LEU D 113 27.09 28.45 4.10
N SER D 114 26.86 27.21 4.54
CA SER D 114 26.38 26.12 3.67
C SER D 114 25.31 25.27 4.37
N ALA D 115 24.58 24.50 3.58
CA ALA D 115 23.69 23.40 4.01
C ALA D 115 23.92 22.20 3.11
N LEU D 116 24.00 21.00 3.68
CA LEU D 116 24.11 19.72 2.94
C LEU D 116 22.85 18.90 3.19
N VAL D 117 22.22 18.41 2.11
CA VAL D 117 21.08 17.46 2.16
C VAL D 117 21.43 16.22 1.32
N LEU D 118 21.00 15.03 1.77
CA LEU D 118 21.18 13.76 1.01
C LEU D 118 20.03 13.57 0.02
N GLY D 119 20.29 12.94 -1.12
CA GLY D 119 19.38 12.86 -2.28
C GLY D 119 18.15 11.99 -2.04
N ASP D 120 18.22 11.01 -1.12
CA ASP D 120 17.15 9.98 -0.92
C ASP D 120 16.45 10.21 0.43
N ASN D 121 16.51 11.43 0.96
CA ASN D 121 15.84 11.80 2.23
C ASN D 121 14.58 12.60 1.91
N LEU D 122 13.46 12.20 2.50
CA LEU D 122 12.13 12.84 2.39
C LEU D 122 11.75 13.37 3.78
N TYR D 123 11.38 14.64 3.88
CA TYR D 123 10.87 15.27 5.12
C TYR D 123 9.44 15.79 4.90
N TYR D 124 8.62 15.71 5.93
CA TYR D 124 7.23 16.26 5.94
C TYR D 124 6.85 16.66 7.37
N GLY D 125 6.23 17.82 7.53
CA GLY D 125 5.55 18.15 8.81
C GLY D 125 5.27 19.62 9.01
N HIS D 126 4.48 19.91 10.04
CA HIS D 126 4.04 21.28 10.41
C HIS D 126 5.15 21.95 11.23
N ASP D 127 5.49 23.18 10.83
CA ASP D 127 6.56 24.03 11.38
C ASP D 127 7.89 23.73 10.68
N PHE D 128 7.90 22.95 9.59
CA PHE D 128 9.19 22.54 8.93
C PHE D 128 9.90 23.79 8.42
N HIS D 129 9.15 24.74 7.85
CA HIS D 129 9.64 26.06 7.39
C HIS D 129 10.31 26.77 8.58
N GLU D 130 9.66 26.76 9.74
CA GLU D 130 10.14 27.45 10.98
C GLU D 130 11.39 26.71 11.48
N LEU D 131 11.37 25.37 11.48
CA LEU D 131 12.49 24.52 11.96
C LEU D 131 13.74 24.77 11.11
N LEU D 132 13.60 24.86 9.79
CA LEU D 132 14.72 25.14 8.86
C LEU D 132 15.17 26.58 9.03
N GLY D 133 14.21 27.52 9.07
CA GLY D 133 14.43 28.97 9.26
C GLY D 133 15.37 29.25 10.42
N SER D 134 15.11 28.65 11.58
CA SER D 134 15.85 28.89 12.85
C SER D 134 17.29 28.38 12.70
N ALA D 135 17.47 27.14 12.23
CA ALA D 135 18.79 26.53 11.95
C ALA D 135 19.57 27.44 10.97
N SER D 136 18.90 27.90 9.91
CA SER D 136 19.50 28.70 8.81
C SER D 136 20.00 30.06 9.31
N GLN D 137 19.34 30.65 10.31
CA GLN D 137 19.58 32.03 10.79
C GLN D 137 20.81 32.08 11.72
N ARG D 138 21.26 30.93 12.24
CA ARG D 138 22.50 30.83 13.04
C ARG D 138 23.72 31.12 12.14
N GLN D 139 24.45 32.20 12.44
CA GLN D 139 25.58 32.70 11.61
C GLN D 139 26.88 31.95 11.96
N THR D 140 26.92 31.23 13.08
CA THR D 140 28.11 30.50 13.57
C THR D 140 27.72 29.09 14.05
N GLY D 141 28.69 28.18 14.08
CA GLY D 141 28.52 26.78 14.48
C GLY D 141 27.75 25.98 13.43
N ALA D 142 27.31 24.78 13.81
CA ALA D 142 26.62 23.82 12.93
C ALA D 142 25.29 23.40 13.59
N SER D 143 24.29 23.08 12.78
CA SER D 143 22.97 22.56 13.23
C SER D 143 22.67 21.23 12.51
N VAL D 144 22.32 20.21 13.28
CA VAL D 144 21.81 18.90 12.78
C VAL D 144 20.51 18.57 13.50
N PHE D 145 19.80 17.55 13.01
CA PHE D 145 18.47 17.14 13.55
C PHE D 145 18.56 15.67 13.95
N ALA D 146 18.01 15.37 15.13
CA ALA D 146 17.95 14.02 15.74
C ALA D 146 16.51 13.52 15.68
N TYR D 147 16.30 12.30 15.19
CA TYR D 147 14.97 11.71 14.92
C TYR D 147 14.96 10.28 15.47
N HIS D 148 13.95 9.94 16.26
CA HIS D 148 13.77 8.60 16.85
C HIS D 148 13.44 7.61 15.72
N VAL D 149 14.28 6.57 15.55
CA VAL D 149 14.09 5.52 14.51
C VAL D 149 14.16 4.14 15.17
N LEU D 150 13.62 3.14 14.48
CA LEU D 150 13.65 1.72 14.90
C LEU D 150 15.08 1.17 14.80
N ASP D 151 15.84 1.57 13.77
CA ASP D 151 17.15 0.96 13.43
C ASP D 151 18.23 2.05 13.43
N PRO D 152 18.60 2.60 14.60
CA PRO D 152 19.59 3.68 14.67
C PRO D 152 20.98 3.27 14.16
N GLU D 153 21.32 1.98 14.27
CA GLU D 153 22.64 1.41 13.90
C GLU D 153 22.93 1.66 12.41
N ARG D 154 21.94 2.04 11.61
CA ARG D 154 22.10 2.35 10.15
C ARG D 154 22.60 3.79 9.95
N TYR D 155 22.65 4.62 11.00
CA TYR D 155 22.88 6.08 10.89
C TYR D 155 23.97 6.55 11.85
N GLY D 156 24.28 7.85 11.78
CA GLY D 156 24.93 8.59 12.89
C GLY D 156 23.98 8.62 14.07
N VAL D 157 24.46 8.27 15.26
CA VAL D 157 23.63 8.12 16.49
C VAL D 157 24.11 9.14 17.52
N VAL D 158 23.17 9.90 18.10
CA VAL D 158 23.43 10.94 19.13
C VAL D 158 23.19 10.32 20.50
N GLU D 159 24.15 10.47 21.41
CA GLU D 159 24.01 10.15 22.85
C GLU D 159 23.71 11.46 23.60
N PHE D 160 22.72 11.43 24.48
CA PHE D 160 22.30 12.58 25.34
C PHE D 160 22.63 12.25 26.80
N ASP D 161 22.98 13.28 27.59
CA ASP D 161 23.12 13.16 29.06
C ASP D 161 21.73 13.27 29.68
N GLN D 162 21.63 13.13 31.01
CA GLN D 162 20.38 13.21 31.80
C GLN D 162 19.63 14.52 31.49
N GLY D 163 20.36 15.60 31.23
CA GLY D 163 19.80 16.94 30.96
C GLY D 163 19.41 17.14 29.50
N GLY D 164 19.61 16.13 28.65
CA GLY D 164 19.20 16.15 27.23
C GLY D 164 20.20 16.88 26.33
N LYS D 165 21.43 17.09 26.81
CA LYS D 165 22.53 17.70 26.01
C LYS D 165 23.23 16.58 25.24
N ALA D 166 23.50 16.78 23.95
CA ALA D 166 24.26 15.86 23.09
C ALA D 166 25.71 15.79 23.61
N ILE D 167 26.22 14.58 23.87
CA ILE D 167 27.57 14.37 24.47
C ILE D 167 28.43 13.44 23.60
N SER D 168 27.86 12.66 22.67
CA SER D 168 28.65 11.82 21.74
C SER D 168 27.88 11.59 20.44
N LEU D 169 28.63 11.42 19.34
CA LEU D 169 28.16 10.94 18.02
C LEU D 169 28.95 9.68 17.66
N GLU D 170 28.28 8.65 17.16
CA GLU D 170 28.92 7.41 16.61
C GLU D 170 28.27 7.08 15.27
N GLU D 171 29.10 6.82 14.24
CA GLU D 171 28.64 6.39 12.89
C GLU D 171 28.37 4.89 12.91
N LYS D 172 27.12 4.48 12.67
CA LYS D 172 26.68 3.07 12.53
C LYS D 172 27.24 2.20 13.66
N PRO D 173 26.96 2.52 14.94
CA PRO D 173 27.45 1.71 16.04
C PRO D 173 26.76 0.33 16.12
N LEU D 174 27.53 -0.71 16.46
CA LEU D 174 27.00 -2.06 16.77
C LEU D 174 26.05 -1.99 17.98
N GLU D 175 26.37 -1.12 18.94
CA GLU D 175 25.60 -0.94 20.21
C GLU D 175 25.19 0.53 20.33
N PRO D 176 24.11 0.96 19.64
CA PRO D 176 23.67 2.37 19.68
C PRO D 176 23.38 2.83 21.11
N LYS D 177 23.82 4.05 21.46
CA LYS D 177 23.63 4.64 22.81
C LYS D 177 22.25 5.29 22.94
N SER D 178 21.53 5.43 21.82
CA SER D 178 20.13 5.91 21.78
C SER D 178 19.45 5.45 20.48
N ASN D 179 18.18 5.80 20.32
CA ASN D 179 17.38 5.50 19.11
C ASN D 179 17.27 6.78 18.26
N TYR D 180 18.09 7.80 18.57
CA TYR D 180 18.10 9.10 17.86
C TYR D 180 19.19 9.11 16.81
N ALA D 181 18.75 9.03 15.54
CA ALA D 181 19.59 9.11 14.34
C ALA D 181 19.72 10.57 13.92
N VAL D 182 20.89 10.97 13.43
CA VAL D 182 21.10 12.29 12.78
C VAL D 182 20.52 12.17 11.37
N THR D 183 19.63 13.09 10.97
CA THR D 183 18.97 13.08 9.65
C THR D 183 19.98 13.54 8.59
N GLY D 184 19.66 13.40 7.30
CA GLY D 184 20.54 13.77 6.19
C GLY D 184 20.40 15.24 5.80
N LEU D 185 20.30 16.12 6.81
CA LEU D 185 20.17 17.59 6.63
C LEU D 185 21.09 18.28 7.64
N TYR D 186 22.08 19.04 7.15
CA TYR D 186 23.19 19.61 7.94
C TYR D 186 23.39 21.08 7.55
N PHE D 187 23.47 21.97 8.55
CA PHE D 187 23.75 23.42 8.40
C PHE D 187 25.11 23.72 9.00
N TYR D 188 25.96 24.44 8.25
CA TYR D 188 27.39 24.69 8.60
C TYR D 188 27.76 26.16 8.40
N ASP D 189 28.66 26.64 9.26
CA ASP D 189 29.35 27.95 9.13
C ASP D 189 30.59 27.76 8.25
N GLN D 190 31.49 28.75 8.21
CA GLN D 190 32.63 28.81 7.26
C GLN D 190 33.76 27.87 7.69
N GLN D 191 33.63 27.17 8.82
CA GLN D 191 34.69 26.26 9.35
C GLN D 191 34.68 24.90 8.62
N VAL D 192 33.57 24.52 7.97
CA VAL D 192 33.33 23.11 7.56
C VAL D 192 34.37 22.69 6.52
N VAL D 193 34.69 23.54 5.55
CA VAL D 193 35.67 23.22 4.48
C VAL D 193 37.01 22.86 5.14
N ASP D 194 37.48 23.68 6.09
CA ASP D 194 38.78 23.49 6.79
C ASP D 194 38.74 22.20 7.62
N ILE D 195 37.63 21.94 8.33
CA ILE D 195 37.44 20.69 9.13
C ILE D 195 37.49 19.48 8.18
N ALA D 196 36.80 19.55 7.04
CA ALA D 196 36.73 18.47 6.04
C ALA D 196 38.14 18.18 5.50
N ARG D 197 38.93 19.23 5.22
CA ARG D 197 40.30 19.12 4.65
C ARG D 197 41.20 18.31 5.60
N ASP D 198 41.01 18.45 6.91
CA ASP D 198 41.89 17.84 7.94
C ASP D 198 41.40 16.42 8.30
N LEU D 199 40.22 16.01 7.84
CA LEU D 199 39.68 14.65 8.11
C LEU D 199 40.58 13.59 7.47
N LYS D 200 40.83 12.50 8.17
CA LYS D 200 41.48 11.27 7.64
C LYS D 200 40.41 10.19 7.45
N PRO D 201 40.54 9.28 6.46
CA PRO D 201 39.58 8.19 6.28
C PRO D 201 39.34 7.39 7.58
N SER D 202 38.11 6.90 7.76
CA SER D 202 37.67 6.13 8.96
C SER D 202 38.06 4.66 8.80
N GLU D 206 36.31 5.81 4.63
CA GLU D 206 35.44 6.92 4.14
C GLU D 206 35.77 8.21 4.90
N LEU D 207 35.56 9.36 4.26
CA LEU D 207 35.53 10.70 4.92
C LEU D 207 34.11 10.93 5.45
N GLU D 208 33.93 10.79 6.76
CA GLU D 208 32.59 10.60 7.39
C GLU D 208 32.07 11.95 7.89
N ILE D 209 30.81 12.24 7.62
CA ILE D 209 30.12 13.49 8.06
C ILE D 209 30.07 13.51 9.59
N THR D 210 29.97 12.34 10.23
CA THR D 210 29.94 12.20 11.72
C THR D 210 31.22 12.79 12.32
N ASP D 211 32.37 12.63 11.64
CA ASP D 211 33.67 13.21 12.10
C ASP D 211 33.60 14.73 11.98
N VAL D 212 32.99 15.26 10.93
CA VAL D 212 32.77 16.73 10.78
C VAL D 212 31.92 17.22 11.97
N ASN D 213 30.81 16.52 12.24
CA ASN D 213 29.83 16.94 13.28
C ASN D 213 30.49 16.84 14.67
N ARG D 214 31.32 15.82 14.92
CA ARG D 214 32.03 15.62 16.20
C ARG D 214 33.04 16.76 16.42
N ALA D 215 33.68 17.25 15.36
CA ALA D 215 34.63 18.38 15.43
C ALA D 215 33.90 19.62 15.97
N TYR D 216 32.70 19.91 15.45
CA TYR D 216 31.85 21.03 15.93
C TYR D 216 31.43 20.78 17.39
N LEU D 217 31.10 19.52 17.73
CA LEU D 217 30.65 19.14 19.10
C LEU D 217 31.78 19.45 20.10
N GLU D 218 33.02 19.08 19.76
CA GLU D 218 34.22 19.22 20.63
C GLU D 218 34.53 20.71 20.86
N ARG D 219 34.20 21.60 19.91
CA ARG D 219 34.37 23.07 20.05
C ARG D 219 33.16 23.69 20.76
N GLY D 220 32.17 22.88 21.15
CA GLY D 220 30.89 23.36 21.73
C GLY D 220 30.08 24.18 20.75
N GLN D 221 30.14 23.85 19.44
CA GLN D 221 29.45 24.63 18.37
C GLN D 221 28.54 23.72 17.54
N LEU D 222 28.06 22.60 18.09
CA LEU D 222 27.04 21.75 17.43
C LEU D 222 25.70 21.91 18.16
N SER D 223 24.70 22.45 17.45
CA SER D 223 23.28 22.47 17.88
C SER D 223 22.60 21.20 17.34
N VAL D 224 22.19 20.30 18.22
CA VAL D 224 21.37 19.10 17.90
C VAL D 224 19.92 19.41 18.28
N GLU D 225 19.09 19.72 17.28
CA GLU D 225 17.64 19.96 17.46
C GLU D 225 16.88 18.64 17.32
N ILE D 226 15.96 18.36 18.23
CA ILE D 226 15.05 17.17 18.12
C ILE D 226 14.06 17.46 17.00
N MET D 227 14.00 16.57 16.00
CA MET D 227 12.89 16.52 15.02
C MET D 227 11.86 15.54 15.58
N GLY D 228 10.75 16.08 16.09
CA GLY D 228 9.73 15.32 16.85
C GLY D 228 9.07 14.25 16.03
N ARG D 229 8.39 13.32 16.70
CA ARG D 229 7.68 12.16 16.08
C ARG D 229 6.53 12.64 15.19
N GLY D 230 6.09 13.89 15.36
CA GLY D 230 5.04 14.54 14.53
C GLY D 230 5.53 14.88 13.14
N TYR D 231 6.84 14.82 12.88
CA TYR D 231 7.44 14.95 11.54
C TYR D 231 7.65 13.54 10.96
N ALA D 232 7.50 13.40 9.65
CA ALA D 232 7.91 12.20 8.89
C ALA D 232 9.27 12.45 8.27
N TRP D 233 10.27 11.68 8.67
CA TRP D 233 11.58 11.54 7.97
C TRP D 233 11.64 10.13 7.40
N LEU D 234 11.56 10.02 6.09
CA LEU D 234 11.52 8.73 5.35
C LEU D 234 12.79 8.58 4.51
N ASP D 235 13.32 7.36 4.52
CA ASP D 235 14.43 6.89 3.64
C ASP D 235 13.77 6.29 2.40
N THR D 236 14.36 6.55 1.23
CA THR D 236 13.82 6.09 -0.08
C THR D 236 14.88 5.25 -0.81
N GLY D 237 15.78 4.62 -0.06
CA GLY D 237 17.03 4.02 -0.57
C GLY D 237 16.91 2.52 -0.89
N THR D 238 15.79 1.87 -0.53
CA THR D 238 15.50 0.45 -0.90
C THR D 238 14.22 0.39 -1.73
N HIS D 239 13.98 -0.74 -2.43
CA HIS D 239 12.75 -0.97 -3.22
C HIS D 239 11.53 -0.84 -2.29
N ASP D 240 11.60 -1.44 -1.10
CA ASP D 240 10.49 -1.44 -0.11
C ASP D 240 10.25 -0.02 0.41
N SER D 241 11.31 0.70 0.81
CA SER D 241 11.21 2.05 1.44
C SER D 241 10.70 3.06 0.41
N LEU D 242 11.13 2.96 -0.85
CA LEU D 242 10.67 3.83 -1.96
C LEU D 242 9.16 3.65 -2.18
N LEU D 243 8.69 2.40 -2.18
CA LEU D 243 7.26 2.06 -2.33
C LEU D 243 6.44 2.65 -1.18
N GLU D 244 6.91 2.50 0.06
CA GLU D 244 6.23 3.03 1.27
C GLU D 244 6.16 4.56 1.21
N ALA D 245 7.24 5.22 0.78
CA ALA D 245 7.31 6.69 0.64
C ALA D 245 6.30 7.15 -0.42
N GLY D 246 6.21 6.42 -1.54
CA GLY D 246 5.24 6.66 -2.61
C GLY D 246 3.82 6.67 -2.09
N GLN D 247 3.45 5.65 -1.30
CA GLN D 247 2.09 5.47 -0.74
C GLN D 247 1.80 6.59 0.27
N PHE D 248 2.82 6.98 1.04
CA PHE D 248 2.73 8.03 2.09
C PHE D 248 2.38 9.37 1.41
N ILE D 249 3.15 9.76 0.40
CA ILE D 249 2.95 11.02 -0.37
C ILE D 249 1.60 10.98 -1.09
N ALA D 250 1.26 9.84 -1.73
CA ALA D 250 -0.02 9.67 -2.46
C ALA D 250 -1.20 9.90 -1.50
N THR D 251 -1.14 9.33 -0.30
CA THR D 251 -2.21 9.46 0.73
C THR D 251 -2.38 10.95 1.12
N LEU D 252 -1.28 11.66 1.39
CA LEU D 252 -1.33 13.09 1.79
C LEU D 252 -1.90 13.93 0.66
N GLU D 253 -1.36 13.78 -0.56
CA GLU D 253 -1.70 14.64 -1.72
C GLU D 253 -3.16 14.38 -2.15
N ASN D 254 -3.61 13.13 -2.17
CA ASN D 254 -4.98 12.77 -2.60
C ASN D 254 -6.00 13.23 -1.55
N ARG D 255 -5.61 13.25 -0.27
CA ARG D 255 -6.46 13.78 0.83
C ARG D 255 -6.60 15.29 0.69
N GLN D 256 -5.47 15.99 0.48
CA GLN D 256 -5.37 17.47 0.63
C GLN D 256 -5.73 18.21 -0.67
N GLY D 257 -5.53 17.58 -1.83
CA GLY D 257 -5.52 18.29 -3.12
C GLY D 257 -4.37 19.28 -3.18
N LEU D 258 -3.31 19.03 -2.40
CA LEU D 258 -2.05 19.82 -2.39
C LEU D 258 -0.87 18.87 -2.61
N LYS D 259 0.21 19.35 -3.22
CA LYS D 259 1.42 18.55 -3.47
C LYS D 259 2.45 18.80 -2.35
N VAL D 260 3.20 17.76 -2.00
CA VAL D 260 4.40 17.84 -1.13
C VAL D 260 5.63 18.02 -2.04
N ALA D 261 6.43 19.06 -1.79
CA ALA D 261 7.77 19.27 -2.40
C ALA D 261 7.62 19.48 -3.91
N CYS D 262 6.68 20.34 -4.30
CA CYS D 262 6.55 20.89 -5.68
C CYS D 262 7.43 22.14 -5.75
N PRO D 263 8.61 22.08 -6.41
CA PRO D 263 9.55 23.21 -6.38
C PRO D 263 8.97 24.53 -6.93
N GLU D 264 8.16 24.45 -7.99
CA GLU D 264 7.52 25.64 -8.61
C GLU D 264 6.67 26.36 -7.56
N GLU D 265 5.93 25.60 -6.75
CA GLU D 265 5.05 26.16 -5.70
C GLU D 265 5.92 26.89 -4.65
N ILE D 266 7.00 26.26 -4.20
CA ILE D 266 7.87 26.82 -3.13
C ILE D 266 8.54 28.09 -3.67
N ALA D 267 9.02 28.09 -4.92
CA ALA D 267 9.60 29.29 -5.57
C ALA D 267 8.56 30.41 -5.58
N TYR D 268 7.32 30.11 -5.98
CA TYR D 268 6.20 31.09 -6.06
C TYR D 268 5.92 31.66 -4.66
N ARG D 269 5.81 30.81 -3.63
CA ARG D 269 5.46 31.24 -2.25
C ARG D 269 6.65 31.99 -1.63
N GLN D 270 7.90 31.71 -2.06
CA GLN D 270 9.11 32.46 -1.62
C GLN D 270 9.22 33.79 -2.39
N LYS D 271 8.40 33.99 -3.44
CA LYS D 271 8.36 35.21 -4.29
C LYS D 271 9.63 35.26 -5.15
N TRP D 272 10.24 34.11 -5.43
CA TRP D 272 11.42 34.00 -6.33
C TRP D 272 10.97 34.02 -7.79
N ILE D 273 9.72 33.60 -8.06
CA ILE D 273 9.03 33.75 -9.37
C ILE D 273 7.65 34.35 -9.09
N ASP D 274 7.11 35.12 -10.04
CA ASP D 274 5.81 35.84 -9.90
C ASP D 274 4.73 35.08 -10.69
N ALA D 275 3.50 35.58 -10.68
CA ALA D 275 2.31 34.95 -11.30
C ALA D 275 2.57 34.70 -12.79
N ALA D 276 3.15 35.69 -13.48
CA ALA D 276 3.43 35.65 -14.95
C ALA D 276 4.41 34.51 -15.25
N GLN D 277 5.48 34.39 -14.46
CA GLN D 277 6.50 33.31 -14.62
C GLN D 277 5.84 31.94 -14.36
N LEU D 278 5.02 31.82 -13.32
CA LEU D 278 4.33 30.55 -12.98
C LEU D 278 3.38 30.14 -14.12
N GLU D 279 2.66 31.11 -14.70
CA GLU D 279 1.72 30.89 -15.84
C GLU D 279 2.51 30.32 -17.02
N LYS D 280 3.68 30.88 -17.32
CA LYS D 280 4.57 30.43 -18.44
C LYS D 280 4.99 28.97 -18.20
N LEU D 281 5.31 28.60 -16.95
CA LEU D 281 5.73 27.22 -16.57
C LEU D 281 4.56 26.25 -16.70
N ALA D 282 3.34 26.70 -16.38
CA ALA D 282 2.12 25.86 -16.35
C ALA D 282 1.68 25.48 -17.75
N ALA D 283 1.78 26.39 -18.73
CA ALA D 283 1.18 26.25 -20.08
C ALA D 283 1.63 24.95 -20.76
N PRO D 284 2.94 24.66 -20.89
CA PRO D 284 3.38 23.43 -21.55
C PRO D 284 2.97 22.14 -20.82
N LEU D 285 2.65 22.23 -19.52
CA LEU D 285 2.30 21.08 -18.64
C LEU D 285 0.77 21.00 -18.49
N TYR D 290 -0.04 18.20 -13.33
CA TYR D 290 1.02 19.11 -12.79
C TYR D 290 0.70 20.55 -13.20
N GLY D 291 0.48 20.81 -14.49
CA GLY D 291 0.17 22.14 -15.05
C GLY D 291 -1.11 22.71 -14.46
N GLN D 292 -2.16 21.87 -14.33
CA GLN D 292 -3.46 22.23 -13.72
C GLN D 292 -3.22 22.66 -12.26
N TYR D 293 -2.36 21.93 -11.53
CA TYR D 293 -1.99 22.25 -10.12
C TYR D 293 -1.33 23.63 -10.06
N LEU D 294 -0.38 23.91 -10.96
CA LEU D 294 0.37 25.21 -10.98
C LEU D 294 -0.62 26.35 -11.22
N LYS D 295 -1.60 26.16 -12.11
CA LYS D 295 -2.63 27.19 -12.45
C LYS D 295 -3.49 27.47 -11.22
N ARG D 296 -3.87 26.43 -10.47
CA ARG D 296 -4.74 26.56 -9.28
C ARG D 296 -4.03 27.41 -8.21
N LEU D 297 -2.70 27.31 -8.10
CA LEU D 297 -1.89 28.13 -7.14
C LEU D 297 -2.14 29.63 -7.36
N LEU D 298 -2.40 30.05 -8.61
CA LEU D 298 -2.58 31.48 -8.98
C LEU D 298 -3.89 32.03 -8.38
N THR D 299 -4.92 31.19 -8.22
CA THR D 299 -6.33 31.60 -8.02
C THR D 299 -6.81 31.33 -6.59
N GLU D 300 -6.13 30.43 -5.85
CA GLU D 300 -6.60 29.92 -4.53
C GLU D 300 -5.73 30.49 -3.41
N THR D 301 -6.35 30.90 -2.30
CA THR D 301 -5.65 31.23 -1.03
C THR D 301 -5.48 29.94 -0.24
N VAL D 302 -4.24 29.51 -0.02
CA VAL D 302 -3.86 28.33 0.81
C VAL D 302 -3.12 28.87 2.03
N TYR D 303 -3.67 28.69 3.22
CA TYR D 303 -3.11 29.22 4.50
C TYR D 303 -2.04 28.25 5.02
C1 MBK E . 2.84 12.00 20.66
C10 MBK E . -3.34 10.94 18.95
C11 MBK E . -2.52 11.39 19.98
C12 MBK E . -1.35 12.09 19.69
C13 MBK E . 3.32 12.74 23.95
C14 MBK E . 4.13 13.65 24.64
C15 MBK E . 3.64 14.37 25.74
C16 MBK E . 2.33 14.19 26.15
C17 MBK E . 1.51 13.28 25.46
C18 MBK E . 2.01 12.56 24.37
C19 MBK E . 3.12 14.46 20.98
C2 MBK E . 2.05 11.39 19.66
C20 MBK E . 4.46 15.22 21.13
C21 MBK E . 4.47 16.01 22.46
C22 MBK E . 4.74 17.49 22.26
C3 MBK E . 1.48 10.13 19.93
C4 MBK E . 2.50 10.19 22.14
C5 MBK E . 3.93 12.08 22.91
C6 MBK E . 2.27 11.24 17.25
C7 MBK E . -1.02 12.36 18.37
C8 MBK E . -1.84 11.91 17.33
C9 MBK E . -3.01 11.20 17.63
N1 MBK E . 3.04 11.41 21.88
N2 MBK E . 1.69 9.55 21.18
N3 MBK E . 3.39 13.18 20.33
N4 MBK E . 1.92 12.05 18.43
O1 MBK E . 2.65 9.65 23.22
O2 MBK E . 0.78 9.50 19.14
O3 MBK E . 0.30 13.68 16.54
O4 MBK E . 0.52 14.49 18.85
S1 MBK E . 0.42 13.25 18.00
BR1 MBK E . 1.63 15.16 27.64
N5 MBK E . 6.18 17.72 22.09
O1 MES F . -5.81 32.00 8.81
C2 MES F . -5.52 32.97 9.81
C3 MES F . -6.45 32.84 11.00
N4 MES F . -7.88 32.96 10.54
C5 MES F . -8.12 31.92 9.50
C6 MES F . -7.15 32.11 8.37
C7 MES F . -8.85 32.88 11.69
C8 MES F . -10.29 32.69 11.26
S MES F . -11.48 33.35 12.41
O1S MES F . -12.76 33.16 11.80
O2S MES F . -11.32 32.59 13.64
O3S MES F . -11.15 34.74 12.58
BR BR G . -19.30 22.70 10.65
CL CL H . -17.77 7.33 13.75
CL CL I . 6.36 16.11 17.70
CL CL J . 1.80 23.45 7.89
CL CL K . 10.46 9.57 28.47
C1 MBK L . -14.47 -16.76 -9.30
C10 MBK L . -12.64 -18.01 -3.23
C11 MBK L . -13.51 -18.33 -4.26
C12 MBK L . -13.11 -18.22 -5.58
C13 MBK L . -17.26 -18.48 -10.29
C14 MBK L . -17.49 -19.09 -9.07
C15 MBK L . -18.17 -20.32 -9.03
C16 MBK L . -18.64 -20.92 -10.18
C17 MBK L . -18.43 -20.31 -11.42
C18 MBK L . -17.75 -19.09 -11.45
C19 MBK L . -13.92 -18.73 -10.70
C2 MBK L . -13.66 -16.19 -8.27
C20 MBK L . -13.46 -18.79 -12.18
C21 MBK L . -14.56 -19.27 -13.10
C22 MBK L . -14.38 -20.75 -13.44
C3 MBK L . -14.30 -15.51 -7.23
C4 MBK L . -16.46 -16.04 -8.32
C5 MBK L . -16.63 -17.26 -10.47
C6 MBK L . -11.57 -15.02 -8.18
C7 MBK L . -11.82 -17.82 -5.88
C8 MBK L . -10.95 -17.49 -4.85
C9 MBK L . -11.36 -17.58 -3.53
N1 MBK L . -15.83 -16.69 -9.31
N2 MBK L . -15.72 -15.45 -7.27
N3 MBK L . -13.79 -17.34 -10.27
N4 MBK L . -12.29 -16.30 -8.37
O1 MBK L . -17.70 -15.96 -8.33
O2 MBK L . -13.71 -15.00 -6.27
O3 MBK L . -9.79 -17.39 -7.53
O4 MBK L . -11.57 -18.97 -8.30
S1 MBK L . -11.29 -17.68 -7.54
BR1 MBK L . -19.58 -22.60 -10.05
N5 MBK L . -14.00 -20.93 -14.85
O1 MES M . 5.38 -32.09 -9.59
C2 MES M . 5.73 -32.19 -8.21
C3 MES M . 4.67 -32.90 -7.40
N4 MES M . 4.09 -34.05 -8.17
C5 MES M . 3.43 -33.53 -9.41
C6 MES M . 3.98 -32.17 -9.79
C7 MES M . 3.15 -34.88 -7.35
C8 MES M . 3.70 -35.28 -5.98
S MES M . 3.01 -36.80 -5.33
O1S MES M . 3.32 -37.81 -6.28
O2S MES M . 3.68 -37.01 -4.08
O3S MES M . 1.60 -36.57 -5.18
CL CL N . -10.61 -17.45 -14.13
CL CL O . 1.40 -30.75 6.45
CL CL P . 1.74 -21.27 -12.50
C1 MBK Q . 6.57 -17.84 -14.51
C10 MBK Q . 5.58 -11.86 -17.24
C11 MBK Q . 6.03 -13.14 -17.60
C12 MBK Q . 5.45 -14.27 -17.01
C13 MBK Q . 8.54 -20.13 -16.28
C14 MBK Q . 8.88 -19.33 -17.36
C15 MBK Q . 9.21 -19.93 -18.58
C16 MBK Q . 9.20 -21.31 -18.73
C17 MBK Q . 8.87 -22.13 -17.66
C18 MBK Q . 8.54 -21.53 -16.44
C19 MBK Q . 5.19 -19.59 -15.62
C2 MBK Q . 6.22 -16.51 -14.22
C20 MBK Q . 4.80 -20.93 -14.96
C21 MBK Q . 4.63 -22.01 -16.02
C22 MBK Q . 4.43 -23.34 -15.29
C3 MBK Q . 7.23 -15.54 -14.18
C4 MBK Q . 8.82 -17.30 -14.74
C5 MBK Q . 8.20 -19.68 -15.02
C6 MBK Q . 4.67 -15.50 -12.68
C7 MBK Q . 4.44 -14.13 -16.08
C8 MBK Q . 3.99 -12.86 -15.71
C9 MBK Q . 4.57 -11.72 -16.30
N1 MBK Q . 7.84 -18.22 -14.79
N2 MBK Q . 8.54 -15.96 -14.46
N3 MBK Q . 5.55 -18.70 -14.50
N4 MBK Q . 4.88 -16.23 -13.96
O1 MBK Q . 9.99 -17.61 -14.96
O2 MBK Q . 7.04 -14.35 -13.94
O3 MBK Q . 2.32 -15.11 -14.89
O4 MBK Q . 3.46 -16.59 -16.44
S1 MBK Q . 3.70 -15.56 -15.36
BR1 MBK Q . 9.68 -22.08 -20.40
N5 MBK Q . 4.13 -24.41 -16.25
CL CL R . -9.15 -3.52 -30.12
CL CL S . 15.91 -7.17 -5.52
CL CL T . -0.68 10.16 -13.87
C1 MBK U . 4.46 23.44 2.42
C10 MBK U . 9.76 19.75 1.04
C11 MBK U . 9.34 21.07 1.18
C12 MBK U . 8.38 21.40 2.13
C13 MBK U . 4.82 26.84 1.73
C14 MBK U . 6.07 26.82 1.11
C15 MBK U . 6.91 27.93 1.18
C16 MBK U . 6.52 29.08 1.84
C17 MBK U . 5.27 29.13 2.45
C18 MBK U . 4.44 28.01 2.38
C19 MBK U . 4.93 24.70 4.48
C2 MBK U . 4.84 22.11 2.16
C20 MBK U . 3.85 25.47 5.24
C21 MBK U . 4.39 26.78 5.77
C22 MBK U . 3.18 27.67 6.08
C3 MBK U . 5.08 21.73 0.83
C4 MBK U . 4.58 24.01 0.15
C5 MBK U . 3.89 25.80 1.70
C6 MBK U . 4.19 19.94 3.05
C7 MBK U . 7.83 20.42 2.95
C8 MBK U . 8.24 19.10 2.80
C9 MBK U . 9.20 18.77 1.85
N1 MBK U . 4.36 24.38 1.44
N2 MBK U . 4.95 22.70 -0.17
N3 MBK U . 4.23 23.69 3.72
N4 MBK U . 4.92 21.21 3.22
O1 MBK U . 4.47 24.82 -0.76
O2 MBK U . 5.41 20.59 0.51
O3 MBK U . 6.55 19.72 5.17
O4 MBK U . 7.05 22.10 4.90
S1 MBK U . 6.60 20.86 4.17
BR1 MBK U . 7.70 30.60 1.91
N5 MBK U . 3.47 28.57 7.19
CL CL V . 28.35 4.00 -7.30
CL CL W . 14.99 2.86 10.72
CL CL X . 26.44 12.61 12.47
CL CL Y . 21.31 9.63 -2.03
#